data_6U9S
#
_entry.id   6U9S
#
_cell.length_a   40.003
_cell.length_b   96.858
_cell.length_c   297.091
_cell.angle_alpha   90.000
_cell.angle_beta   90.000
_cell.angle_gamma   90.000
#
_symmetry.space_group_name_H-M   'P 21 21 21'
#
loop_
_entity.id
_entity.type
_entity.pdbx_description
1 polymer '5A6 FAB Heavy Chain'
2 polymer '5A6 FAB Light Chain'
3 polymer 'CD81 antigen'
4 non-polymer GLYCEROL
5 water water
#
loop_
_entity_poly.entity_id
_entity_poly.type
_entity_poly.pdbx_seq_one_letter_code
_entity_poly.pdbx_strand_id
1 'polypeptide(L)'
;QVQLVQSGSELKKPGASVKVSCKASGYTFTDDSIHWVRQAPGQGLEWMGWINTETGEPTYADDFKGRFVFSLDTSVSTAY
LQISSLKAEDTAVYYCARLSPVVVIFIYWGQGTLVTVSSASTKGPSVFPLAPSSKSTSGGTAALGCLVKDYFPEPVTVSW
NSGALTSGVHTFPAVLQSSGLYSLSSVVTVPSSSLGTQTYICNVNHKPSNTKVDKKVEPKSCGGSGLEVLFQ
;
A,D
2 'polypeptide(L)'
;DIVMTQSPLSLPVTPGEPASISCKSSQSLLHSRTRKNYLAWYLQKPGQSPQLLIYWASTRESGVPDRFSGSGSGTDFTLK
ISRVEAEDVGVYYCKQSYNLYAFGQGTKLEIKRTVAAPSVFIFPPSDEQLKSGTASVVCLLNNFYPREAKVQWKVDNALQ
SGNSQESVTEQDSKDSTYSLSSTLTLSKADYEKHKVYACEVTHQGLSSPVTKSFNRGEC
;
B,E
3 'polypeptide(L)'
;ETGFVNKDQIAKDVKQFYDQALQQAVVDDDANNAKAVVKTFHETLDCCGSSTLTALTTSVLKNNLCPSGSNIISNLFKED
CHQKIDDLFSGSHHHHHH
;
C,F
#
# COMPACT_ATOMS: atom_id res chain seq x y z
N GLN A 1 -8.04 -39.20 -11.08
CA GLN A 1 -7.40 -37.94 -11.48
C GLN A 1 -6.93 -37.14 -10.27
N VAL A 2 -5.69 -36.68 -10.33
CA VAL A 2 -5.10 -35.92 -9.23
C VAL A 2 -5.57 -34.47 -9.33
N GLN A 3 -5.97 -33.90 -8.20
CA GLN A 3 -6.48 -32.54 -8.15
C GLN A 3 -6.02 -31.87 -6.87
N LEU A 4 -5.61 -30.61 -6.98
CA LEU A 4 -5.34 -29.74 -5.84
C LEU A 4 -6.28 -28.55 -5.96
N VAL A 5 -7.27 -28.49 -5.09
CA VAL A 5 -8.31 -27.46 -5.15
C VAL A 5 -8.11 -26.52 -3.97
N GLN A 6 -7.93 -25.23 -4.26
CA GLN A 6 -7.71 -24.24 -3.22
C GLN A 6 -8.99 -23.46 -2.96
N SER A 7 -9.01 -22.75 -1.83
CA SER A 7 -10.19 -22.00 -1.41
C SER A 7 -10.33 -20.73 -2.25
N GLY A 8 -11.46 -20.06 -2.06
CA GLY A 8 -11.81 -18.88 -2.83
C GLY A 8 -11.03 -17.62 -2.45
N SER A 9 -11.32 -16.56 -3.19
CA SER A 9 -10.60 -15.30 -3.01
C SER A 9 -10.87 -14.71 -1.62
N GLU A 10 -9.86 -14.03 -1.08
CA GLU A 10 -9.90 -13.43 0.24
C GLU A 10 -9.64 -11.94 0.14
N LEU A 11 -10.39 -11.16 0.93
CA LEU A 11 -10.26 -9.71 0.98
C LEU A 11 -10.10 -9.32 2.44
N LYS A 12 -8.92 -8.81 2.80
CA LYS A 12 -8.58 -8.51 4.18
C LYS A 12 -8.05 -7.08 4.29
N LYS A 13 -8.08 -6.57 5.54
CA LYS A 13 -7.54 -5.25 5.86
C LYS A 13 -6.13 -5.39 6.44
N PRO A 14 -5.27 -4.40 6.24
CA PRO A 14 -3.90 -4.50 6.74
C PRO A 14 -3.88 -4.76 8.24
N GLY A 15 -3.29 -5.90 8.62
CA GLY A 15 -3.14 -6.26 10.02
C GLY A 15 -3.85 -7.53 10.43
N ALA A 16 -4.78 -8.04 9.62
CA ALA A 16 -5.52 -9.24 9.96
C ALA A 16 -4.76 -10.48 9.47
N SER A 17 -5.38 -11.64 9.66
CA SER A 17 -4.81 -12.91 9.23
C SER A 17 -5.68 -13.51 8.15
N VAL A 18 -5.17 -14.57 7.52
CA VAL A 18 -5.89 -15.23 6.45
C VAL A 18 -5.40 -16.67 6.37
N LYS A 19 -6.33 -17.58 6.13
CA LYS A 19 -6.03 -19.01 6.02
C LYS A 19 -6.56 -19.53 4.69
N VAL A 20 -5.65 -19.97 3.83
CA VAL A 20 -5.96 -20.54 2.53
C VAL A 20 -5.82 -22.05 2.63
N SER A 21 -6.75 -22.77 2.02
CA SER A 21 -6.72 -24.22 2.05
C SER A 21 -6.31 -24.77 0.69
N CYS A 22 -5.86 -26.02 0.70
CA CYS A 22 -5.41 -26.70 -0.51
C CYS A 22 -5.71 -28.18 -0.29
N LYS A 23 -6.83 -28.64 -0.85
CA LYS A 23 -7.29 -30.01 -0.67
C LYS A 23 -6.81 -30.86 -1.84
N ALA A 24 -6.18 -31.99 -1.51
CA ALA A 24 -5.62 -32.89 -2.51
C ALA A 24 -6.52 -34.10 -2.70
N SER A 25 -6.51 -34.65 -3.91
CA SER A 25 -7.26 -35.85 -4.22
C SER A 25 -6.60 -36.58 -5.38
N GLY A 26 -6.85 -37.89 -5.46
CA GLY A 26 -6.31 -38.72 -6.52
C GLY A 26 -5.01 -39.40 -6.22
N TYR A 27 -4.40 -39.14 -5.06
CA TYR A 27 -3.15 -39.79 -4.66
C TYR A 27 -3.06 -39.79 -3.15
N THR A 28 -2.15 -40.60 -2.63
CA THR A 28 -1.90 -40.66 -1.19
C THR A 28 -1.33 -39.32 -0.74
N PHE A 29 -2.14 -38.53 -0.04
CA PHE A 29 -1.74 -37.16 0.28
C PHE A 29 -0.49 -37.11 1.13
N THR A 30 -0.30 -38.08 2.03
CA THR A 30 0.81 -38.06 2.97
C THR A 30 2.11 -38.60 2.39
N ASP A 31 2.16 -38.93 1.11
CA ASP A 31 3.40 -39.40 0.51
C ASP A 31 4.31 -38.25 0.10
N ASP A 32 3.78 -37.28 -0.63
CA ASP A 32 4.56 -36.20 -1.19
C ASP A 32 4.32 -34.91 -0.41
N SER A 33 5.32 -34.04 -0.43
CA SER A 33 5.25 -32.76 0.27
C SER A 33 4.43 -31.76 -0.53
N ILE A 34 3.94 -30.74 0.17
CA ILE A 34 3.13 -29.69 -0.45
C ILE A 34 3.92 -28.38 -0.40
N HIS A 35 4.11 -27.77 -1.56
CA HIS A 35 4.89 -26.55 -1.67
C HIS A 35 3.98 -25.36 -1.98
N TRP A 36 4.42 -24.18 -1.57
CA TRP A 36 3.66 -22.95 -1.78
C TRP A 36 4.48 -21.97 -2.62
N VAL A 37 3.82 -21.34 -3.59
CA VAL A 37 4.44 -20.39 -4.49
C VAL A 37 3.60 -19.12 -4.51
N ARG A 38 4.24 -17.97 -4.33
CA ARG A 38 3.54 -16.71 -4.39
C ARG A 38 3.77 -16.04 -5.75
N GLN A 39 2.75 -15.32 -6.22
CA GLN A 39 2.86 -14.57 -7.46
C GLN A 39 2.16 -13.23 -7.24
N ALA A 40 2.94 -12.17 -7.09
CA ALA A 40 2.37 -10.85 -7.01
C ALA A 40 1.79 -10.45 -8.36
N PRO A 41 0.75 -9.62 -8.38
CA PRO A 41 0.11 -9.27 -9.66
C PRO A 41 1.13 -8.69 -10.63
N GLY A 42 1.23 -9.31 -11.80
CA GLY A 42 2.19 -8.88 -12.80
C GLY A 42 3.62 -9.24 -12.53
N GLN A 43 3.88 -10.11 -11.55
CA GLN A 43 5.22 -10.52 -11.18
C GLN A 43 5.39 -12.01 -11.40
N GLY A 44 6.61 -12.50 -11.17
CA GLY A 44 6.92 -13.88 -11.40
C GLY A 44 6.57 -14.78 -10.23
N LEU A 45 6.92 -16.06 -10.38
CA LEU A 45 6.67 -17.06 -9.35
C LEU A 45 7.82 -17.06 -8.35
N GLU A 46 7.48 -17.17 -7.06
CA GLU A 46 8.49 -17.23 -6.01
C GLU A 46 8.13 -18.34 -5.05
N TRP A 47 9.05 -19.29 -4.87
CA TRP A 47 8.86 -20.42 -3.98
C TRP A 47 8.89 -19.94 -2.54
N MET A 48 7.84 -20.25 -1.78
CA MET A 48 7.71 -19.81 -0.40
C MET A 48 8.22 -20.84 0.60
N GLY A 49 8.18 -22.11 0.26
CA GLY A 49 8.57 -23.18 1.13
C GLY A 49 7.67 -24.37 0.94
N TRP A 50 7.77 -25.32 1.86
CA TRP A 50 7.00 -26.57 1.74
C TRP A 50 6.66 -27.10 3.12
N ILE A 51 5.82 -28.13 3.12
CA ILE A 51 5.39 -28.80 4.34
C ILE A 51 5.39 -30.29 4.08
N ASN A 52 5.97 -31.04 5.03
CA ASN A 52 5.97 -32.49 5.01
C ASN A 52 4.57 -32.98 5.34
N THR A 53 3.92 -33.63 4.38
CA THR A 53 2.53 -34.06 4.56
C THR A 53 2.38 -35.25 5.50
N GLU A 54 3.48 -35.87 5.92
CA GLU A 54 3.44 -37.00 6.83
C GLU A 54 3.72 -36.62 8.28
N THR A 55 4.70 -35.73 8.50
CA THR A 55 5.03 -35.28 9.84
C THR A 55 4.45 -33.91 10.18
N GLY A 56 4.15 -33.10 9.18
CA GLY A 56 3.65 -31.77 9.41
C GLY A 56 4.70 -30.70 9.61
N GLU A 57 5.98 -31.06 9.49
CA GLU A 57 7.05 -30.08 9.70
C GLU A 57 7.13 -29.12 8.52
N PRO A 58 7.06 -27.81 8.75
CA PRO A 58 7.22 -26.84 7.67
C PRO A 58 8.68 -26.44 7.47
N THR A 59 8.97 -26.00 6.25
CA THR A 59 10.27 -25.43 5.90
C THR A 59 10.01 -24.18 5.07
N TYR A 60 10.41 -23.02 5.59
CA TYR A 60 10.12 -21.75 4.95
C TYR A 60 11.33 -21.22 4.18
N ALA A 61 11.05 -20.61 3.03
CA ALA A 61 12.08 -19.90 2.30
C ALA A 61 12.50 -18.63 3.04
N ASP A 62 13.74 -18.20 2.79
CA ASP A 62 14.28 -17.06 3.55
C ASP A 62 13.38 -15.84 3.43
N ASP A 63 12.85 -15.59 2.23
CA ASP A 63 12.03 -14.40 2.03
C ASP A 63 10.63 -14.52 2.63
N PHE A 64 10.26 -15.70 3.15
CA PHE A 64 8.93 -15.93 3.71
C PHE A 64 9.00 -16.49 5.12
N LYS A 65 10.07 -16.21 5.85
CA LYS A 65 10.25 -16.68 7.22
C LYS A 65 9.78 -15.58 8.16
N GLY A 66 8.65 -15.82 8.84
CA GLY A 66 8.13 -14.84 9.77
C GLY A 66 6.63 -14.89 9.97
N ARG A 67 5.87 -14.29 9.05
CA ARG A 67 4.43 -14.14 9.19
C ARG A 67 3.66 -15.24 8.47
N PHE A 68 4.35 -16.23 7.92
CA PHE A 68 3.72 -17.30 7.14
C PHE A 68 3.81 -18.62 7.90
N VAL A 69 2.71 -19.37 7.91
CA VAL A 69 2.59 -20.62 8.66
C VAL A 69 2.01 -21.68 7.73
N PHE A 70 2.73 -22.79 7.57
CA PHE A 70 2.25 -23.94 6.82
C PHE A 70 1.69 -24.95 7.81
N SER A 71 0.38 -25.17 7.78
CA SER A 71 -0.28 -26.12 8.66
C SER A 71 -0.90 -27.24 7.82
N LEU A 72 -1.41 -28.26 8.51
CA LEU A 72 -1.78 -29.50 7.86
C LEU A 72 -2.98 -30.12 8.56
N ASP A 73 -3.77 -30.87 7.79
CA ASP A 73 -4.85 -31.68 8.34
C ASP A 73 -5.00 -32.89 7.42
N THR A 74 -4.38 -34.00 7.83
CA THR A 74 -4.38 -35.20 7.00
C THR A 74 -5.73 -35.91 7.00
N SER A 75 -6.55 -35.69 8.04
CA SER A 75 -7.86 -36.34 8.08
C SER A 75 -8.68 -35.99 6.85
N VAL A 76 -8.50 -34.79 6.29
CA VAL A 76 -9.19 -34.35 5.10
C VAL A 76 -8.23 -34.05 3.95
N SER A 77 -6.98 -34.49 4.06
CA SER A 77 -5.99 -34.33 3.00
C SER A 77 -5.88 -32.87 2.54
N THR A 78 -5.68 -31.98 3.52
CA THR A 78 -5.69 -30.54 3.22
C THR A 78 -4.48 -29.86 3.84
N ALA A 79 -3.74 -29.13 3.02
CA ALA A 79 -2.70 -28.24 3.53
C ALA A 79 -3.29 -26.84 3.69
N TYR A 80 -2.66 -26.06 4.57
CA TYR A 80 -3.14 -24.71 4.87
C TYR A 80 -1.96 -23.74 4.87
N LEU A 81 -2.22 -22.55 4.35
CA LEU A 81 -1.28 -21.44 4.37
C LEU A 81 -1.90 -20.30 5.15
N GLN A 82 -1.24 -19.88 6.22
CA GLN A 82 -1.74 -18.80 7.07
C GLN A 82 -0.79 -17.62 7.01
N ILE A 83 -1.36 -16.42 6.94
CA ILE A 83 -0.59 -15.18 6.96
C ILE A 83 -1.17 -14.30 8.06
N SER A 84 -0.35 -13.94 9.04
CA SER A 84 -0.73 -13.03 10.10
C SER A 84 -0.13 -11.64 9.85
N SER A 85 -0.74 -10.64 10.48
CA SER A 85 -0.32 -9.26 10.33
C SER A 85 -0.15 -8.90 8.86
N LEU A 86 -1.24 -9.07 8.11
CA LEU A 86 -1.21 -8.83 6.68
C LEU A 86 -0.87 -7.38 6.38
N LYS A 87 -0.03 -7.17 5.37
CA LYS A 87 0.33 -5.85 4.89
C LYS A 87 -0.04 -5.75 3.41
N ALA A 88 0.07 -4.53 2.88
CA ALA A 88 -0.41 -4.29 1.52
C ALA A 88 0.34 -5.15 0.51
N GLU A 89 1.63 -5.39 0.72
CA GLU A 89 2.43 -6.13 -0.24
C GLU A 89 2.10 -7.61 -0.26
N ASP A 90 1.21 -8.09 0.61
CA ASP A 90 0.83 -9.49 0.60
C ASP A 90 -0.23 -9.81 -0.44
N THR A 91 -0.79 -8.79 -1.08
CA THR A 91 -1.79 -8.99 -2.14
C THR A 91 -1.16 -9.73 -3.32
N ALA A 92 -1.60 -10.96 -3.56
CA ALA A 92 -1.02 -11.79 -4.60
C ALA A 92 -1.83 -13.07 -4.73
N VAL A 93 -1.43 -13.91 -5.69
CA VAL A 93 -2.03 -15.22 -5.88
C VAL A 93 -1.10 -16.25 -5.26
N TYR A 94 -1.66 -17.12 -4.42
CA TYR A 94 -0.89 -18.15 -3.73
C TYR A 94 -1.27 -19.50 -4.30
N TYR A 95 -0.29 -20.22 -4.82
CA TYR A 95 -0.47 -21.56 -5.36
C TYR A 95 0.09 -22.59 -4.40
N CYS A 96 -0.56 -23.73 -4.32
CA CYS A 96 0.02 -24.93 -3.75
C CYS A 96 0.34 -25.88 -4.90
N ALA A 97 1.38 -26.69 -4.70
CA ALA A 97 1.84 -27.63 -5.72
C ALA A 97 2.31 -28.90 -5.04
N ARG A 98 2.14 -30.02 -5.74
CA ARG A 98 2.60 -31.31 -5.26
C ARG A 98 3.98 -31.61 -5.85
N LEU A 99 4.94 -31.89 -4.99
CA LEU A 99 6.30 -32.18 -5.45
C LEU A 99 6.41 -33.66 -5.82
N SER A 100 6.74 -33.94 -7.07
CA SER A 100 6.97 -35.34 -7.42
C SER A 100 8.44 -35.68 -7.25
N PRO A 101 8.75 -36.84 -6.66
CA PRO A 101 10.15 -37.19 -6.40
C PRO A 101 10.87 -37.64 -7.66
N VAL A 102 12.14 -38.01 -7.52
CA VAL A 102 12.94 -38.50 -8.63
C VAL A 102 13.14 -37.40 -9.65
N VAL A 103 12.06 -36.93 -10.26
CA VAL A 103 12.15 -35.81 -11.20
C VAL A 103 12.23 -34.47 -10.46
N VAL A 104 11.69 -34.40 -9.25
CA VAL A 104 11.77 -33.21 -8.39
C VAL A 104 11.20 -32.00 -9.12
N ILE A 105 9.91 -32.06 -9.44
CA ILE A 105 9.23 -30.99 -10.17
C ILE A 105 7.80 -30.87 -9.63
N PHE A 106 7.11 -29.83 -10.09
CA PHE A 106 5.72 -29.57 -9.70
C PHE A 106 4.82 -29.88 -10.90
N ILE A 107 4.31 -31.12 -10.94
CA ILE A 107 3.41 -31.49 -12.02
C ILE A 107 1.99 -30.99 -11.74
N TYR A 108 1.50 -31.15 -10.52
CA TYR A 108 0.12 -30.85 -10.18
C TYR A 108 0.06 -29.61 -9.31
N TRP A 109 -0.70 -28.61 -9.76
CA TRP A 109 -0.86 -27.33 -9.09
C TRP A 109 -2.32 -27.12 -8.71
N GLY A 110 -2.55 -26.13 -7.84
CA GLY A 110 -3.89 -25.65 -7.57
C GLY A 110 -4.18 -24.43 -8.43
N GLN A 111 -5.46 -24.09 -8.54
CA GLN A 111 -5.84 -22.94 -9.36
C GLN A 111 -5.35 -21.63 -8.76
N GLY A 112 -4.84 -21.64 -7.54
CA GLY A 112 -4.38 -20.42 -6.89
C GLY A 112 -5.50 -19.73 -6.12
N THR A 113 -5.12 -19.02 -5.08
CA THR A 113 -6.05 -18.24 -4.28
C THR A 113 -5.58 -16.79 -4.26
N LEU A 114 -6.45 -15.88 -4.66
CA LEU A 114 -6.12 -14.47 -4.62
C LEU A 114 -6.37 -13.92 -3.23
N VAL A 115 -5.36 -13.27 -2.65
CA VAL A 115 -5.49 -12.58 -1.38
C VAL A 115 -5.23 -11.11 -1.64
N THR A 116 -6.20 -10.27 -1.32
CA THR A 116 -6.13 -8.83 -1.53
C THR A 116 -6.18 -8.13 -0.18
N VAL A 117 -5.17 -7.32 0.09
CA VAL A 117 -5.07 -6.59 1.36
C VAL A 117 -5.12 -5.10 1.05
N SER A 118 -6.14 -4.43 1.56
CA SER A 118 -6.29 -3.00 1.34
C SER A 118 -7.14 -2.41 2.45
N SER A 119 -6.73 -1.24 2.93
CA SER A 119 -7.48 -0.56 3.98
C SER A 119 -8.76 0.08 3.45
N ALA A 120 -9.03 -0.04 2.15
CA ALA A 120 -10.23 0.55 1.57
C ALA A 120 -11.47 -0.23 1.95
N SER A 121 -12.62 0.40 1.73
CA SER A 121 -13.92 -0.19 2.02
C SER A 121 -14.70 -0.44 0.74
N THR A 122 -15.66 -1.34 0.82
CA THR A 122 -16.47 -1.66 -0.35
C THR A 122 -17.20 -0.41 -0.84
N LYS A 123 -17.21 -0.20 -2.15
CA LYS A 123 -17.85 0.99 -2.71
C LYS A 123 -18.20 0.76 -4.16
N GLY A 124 -19.44 1.09 -4.53
CA GLY A 124 -19.90 1.00 -5.89
C GLY A 124 -19.25 2.04 -6.78
N PRO A 125 -19.07 1.72 -8.06
CA PRO A 125 -18.37 2.63 -8.96
C PRO A 125 -19.24 3.79 -9.41
N SER A 126 -18.62 4.71 -10.15
CA SER A 126 -19.31 5.81 -10.81
C SER A 126 -19.03 5.71 -12.30
N VAL A 127 -20.07 5.79 -13.11
CA VAL A 127 -19.96 5.58 -14.54
C VAL A 127 -20.20 6.90 -15.26
N PHE A 128 -19.19 7.37 -15.99
CA PHE A 128 -19.30 8.59 -16.77
C PHE A 128 -19.13 8.28 -18.25
N PRO A 129 -19.78 9.04 -19.12
CA PRO A 129 -19.62 8.79 -20.56
C PRO A 129 -18.35 9.43 -21.09
N LEU A 130 -17.81 8.80 -22.13
CA LEU A 130 -16.70 9.32 -22.91
C LEU A 130 -17.28 9.44 -24.32
N ALA A 131 -17.85 10.63 -24.61
CA ALA A 131 -18.71 10.83 -25.76
C ALA A 131 -17.87 11.07 -27.02
N PRO A 132 -18.28 10.49 -28.15
CA PRO A 132 -17.57 10.72 -29.41
C PRO A 132 -17.89 12.09 -29.99
N SER A 133 -16.90 12.66 -30.66
CA SER A 133 -17.08 13.91 -31.39
C SER A 133 -16.21 13.90 -32.64
N SER A 134 -15.82 15.08 -33.11
CA SER A 134 -14.93 15.17 -34.26
C SER A 134 -13.48 14.96 -33.86
N LYS A 135 -13.18 14.90 -32.56
CA LYS A 135 -11.89 14.48 -32.06
C LYS A 135 -11.79 12.97 -31.89
N SER A 136 -12.87 12.23 -32.17
CA SER A 136 -12.91 10.79 -31.96
C SER A 136 -13.20 10.02 -33.24
N THR A 137 -13.19 10.68 -34.40
CA THR A 137 -13.46 10.04 -35.68
C THR A 137 -12.18 9.98 -36.50
N SER A 138 -11.77 8.77 -36.87
CA SER A 138 -10.58 8.57 -37.68
C SER A 138 -10.90 7.57 -38.79
N GLY A 139 -11.00 8.05 -40.02
CA GLY A 139 -11.30 7.17 -41.14
C GLY A 139 -12.71 6.61 -41.15
N GLY A 140 -13.69 7.38 -40.69
CA GLY A 140 -15.07 6.92 -40.66
C GLY A 140 -15.43 6.10 -39.45
N THR A 141 -14.48 5.81 -38.56
CA THR A 141 -14.74 5.08 -37.33
C THR A 141 -14.56 6.03 -36.16
N ALA A 142 -15.53 6.02 -35.25
CA ALA A 142 -15.48 6.87 -34.06
C ALA A 142 -15.33 5.99 -32.82
N ALA A 143 -14.66 6.55 -31.82
CA ALA A 143 -14.43 5.87 -30.56
C ALA A 143 -15.31 6.50 -29.48
N LEU A 144 -15.95 5.65 -28.69
CA LEU A 144 -16.74 6.10 -27.54
C LEU A 144 -16.42 5.19 -26.38
N GLY A 145 -16.90 5.54 -25.19
CA GLY A 145 -16.61 4.66 -24.07
C GLY A 145 -17.28 5.09 -22.79
N CYS A 146 -16.89 4.40 -21.72
CA CYS A 146 -17.37 4.65 -20.37
C CYS A 146 -16.19 4.60 -19.41
N LEU A 147 -16.22 5.51 -18.45
CA LEU A 147 -15.19 5.61 -17.42
C LEU A 147 -15.83 5.16 -16.11
N VAL A 148 -15.36 4.04 -15.57
CA VAL A 148 -15.87 3.49 -14.33
C VAL A 148 -14.82 3.76 -13.26
N LYS A 149 -15.12 4.69 -12.34
CA LYS A 149 -14.12 5.23 -11.43
C LYS A 149 -14.58 5.13 -9.99
N ASP A 150 -13.59 5.03 -9.09
CA ASP A 150 -13.85 5.06 -7.66
C ASP A 150 -14.76 3.92 -7.21
N TYR A 151 -14.22 2.71 -7.16
CA TYR A 151 -14.97 1.54 -6.75
C TYR A 151 -13.99 0.54 -6.15
N PHE A 152 -14.35 -0.01 -4.99
CA PHE A 152 -13.55 -1.02 -4.34
C PHE A 152 -14.46 -2.12 -3.77
N PRO A 153 -14.09 -3.39 -3.95
CA PRO A 153 -12.91 -3.90 -4.65
C PRO A 153 -13.26 -4.47 -6.01
N GLU A 154 -12.25 -4.76 -6.82
CA GLU A 154 -12.47 -5.49 -8.07
C GLU A 154 -13.24 -6.77 -7.78
N PRO A 155 -13.87 -7.39 -8.79
CA PRO A 155 -13.88 -6.94 -10.17
C PRO A 155 -15.13 -6.14 -10.53
N VAL A 156 -15.07 -5.42 -11.65
CA VAL A 156 -16.22 -4.79 -12.25
C VAL A 156 -16.35 -5.31 -13.68
N THR A 157 -17.56 -5.70 -14.06
CA THR A 157 -17.81 -6.20 -15.41
C THR A 157 -18.47 -5.11 -16.23
N VAL A 158 -18.01 -4.94 -17.46
CA VAL A 158 -18.54 -3.93 -18.35
C VAL A 158 -18.94 -4.58 -19.67
N SER A 159 -20.17 -4.29 -20.10
CA SER A 159 -20.72 -4.82 -21.34
C SER A 159 -21.23 -3.65 -22.18
N TRP A 160 -21.39 -3.88 -23.47
CA TRP A 160 -21.92 -2.87 -24.38
C TRP A 160 -23.20 -3.38 -25.03
N ASN A 161 -24.28 -2.61 -24.91
CA ASN A 161 -25.59 -2.99 -25.46
C ASN A 161 -26.03 -4.36 -24.94
N SER A 162 -25.80 -4.59 -23.65
CA SER A 162 -26.17 -5.85 -23.00
C SER A 162 -25.49 -7.04 -23.68
N GLY A 163 -24.20 -6.89 -23.98
CA GLY A 163 -23.41 -7.96 -24.55
C GLY A 163 -23.59 -8.18 -26.03
N ALA A 164 -24.40 -7.36 -26.70
CA ALA A 164 -24.63 -7.54 -28.14
C ALA A 164 -23.49 -6.97 -28.97
N LEU A 165 -22.73 -6.01 -28.44
CA LEU A 165 -21.64 -5.36 -29.15
C LEU A 165 -20.33 -5.83 -28.54
N THR A 166 -19.57 -6.60 -29.30
CA THR A 166 -18.26 -7.08 -28.87
C THR A 166 -17.12 -6.63 -29.76
N SER A 167 -17.37 -6.41 -31.05
CA SER A 167 -16.29 -6.03 -31.95
C SER A 167 -15.82 -4.61 -31.66
N GLY A 168 -14.50 -4.42 -31.64
CA GLY A 168 -13.92 -3.12 -31.37
C GLY A 168 -13.94 -2.69 -29.93
N VAL A 169 -14.38 -3.55 -29.01
CA VAL A 169 -14.47 -3.20 -27.60
C VAL A 169 -13.13 -3.45 -26.93
N HIS A 170 -12.70 -2.50 -26.12
CA HIS A 170 -11.49 -2.65 -25.29
C HIS A 170 -11.83 -2.18 -23.90
N THR A 171 -11.84 -3.10 -22.95
CA THR A 171 -12.00 -2.78 -21.53
C THR A 171 -10.64 -2.94 -20.87
N PHE A 172 -10.06 -1.83 -20.45
CA PHE A 172 -8.70 -1.83 -19.93
C PHE A 172 -8.67 -2.38 -18.51
N PRO A 173 -7.56 -2.98 -18.10
CA PRO A 173 -7.44 -3.42 -16.71
C PRO A 173 -7.55 -2.23 -15.77
N ALA A 174 -8.22 -2.44 -14.64
CA ALA A 174 -8.37 -1.38 -13.65
C ALA A 174 -7.01 -0.95 -13.13
N VAL A 175 -6.91 0.34 -12.81
CA VAL A 175 -5.71 0.92 -12.23
C VAL A 175 -6.04 1.38 -10.81
N LEU A 176 -5.19 1.04 -9.86
CA LEU A 176 -5.40 1.43 -8.46
C LEU A 176 -4.98 2.88 -8.28
N GLN A 177 -5.93 3.73 -7.89
CA GLN A 177 -5.67 5.14 -7.68
C GLN A 177 -5.02 5.37 -6.32
N SER A 178 -4.54 6.60 -6.12
CA SER A 178 -3.91 6.95 -4.85
C SER A 178 -4.90 6.94 -3.69
N SER A 179 -6.20 7.01 -3.99
CA SER A 179 -7.23 7.00 -2.95
C SER A 179 -7.57 5.60 -2.47
N GLY A 180 -6.91 4.56 -2.99
CA GLY A 180 -7.22 3.19 -2.63
C GLY A 180 -8.33 2.55 -3.45
N LEU A 181 -8.98 3.31 -4.32
CA LEU A 181 -10.06 2.79 -5.16
C LEU A 181 -9.55 2.53 -6.57
N TYR A 182 -10.31 1.75 -7.31
CA TYR A 182 -9.94 1.36 -8.67
C TYR A 182 -10.68 2.22 -9.70
N SER A 183 -10.12 2.25 -10.91
CA SER A 183 -10.71 3.02 -11.99
C SER A 183 -10.23 2.43 -13.32
N LEU A 184 -11.18 2.23 -14.23
CA LEU A 184 -10.86 1.69 -15.55
C LEU A 184 -11.75 2.36 -16.58
N SER A 185 -11.52 2.03 -17.85
CA SER A 185 -12.30 2.57 -18.95
C SER A 185 -12.59 1.46 -19.94
N SER A 186 -13.80 1.48 -20.50
CA SER A 186 -14.19 0.54 -21.54
C SER A 186 -14.54 1.33 -22.79
N VAL A 187 -13.77 1.12 -23.87
CA VAL A 187 -13.98 1.86 -25.10
C VAL A 187 -14.46 0.91 -26.18
N VAL A 188 -15.00 1.49 -27.26
CA VAL A 188 -15.46 0.74 -28.40
C VAL A 188 -15.37 1.63 -29.64
N THR A 189 -14.96 1.02 -30.75
CA THR A 189 -14.87 1.68 -32.05
C THR A 189 -16.04 1.23 -32.90
N VAL A 190 -16.80 2.19 -33.42
CA VAL A 190 -17.98 1.88 -34.23
C VAL A 190 -18.04 2.81 -35.42
N PRO A 191 -18.62 2.35 -36.52
CA PRO A 191 -18.78 3.22 -37.69
C PRO A 191 -19.48 4.52 -37.34
N SER A 192 -18.83 5.65 -37.59
CA SER A 192 -19.43 6.94 -37.26
C SER A 192 -20.67 7.26 -38.10
N SER A 193 -21.00 6.41 -39.07
CA SER A 193 -22.23 6.58 -39.84
C SER A 193 -23.47 6.13 -39.06
N SER A 194 -23.29 5.35 -38.00
CA SER A 194 -24.40 4.81 -37.22
C SER A 194 -24.59 5.54 -35.89
N LEU A 195 -23.98 6.71 -35.72
CA LEU A 195 -24.15 7.46 -34.48
C LEU A 195 -25.55 8.02 -34.34
N GLY A 196 -26.19 8.37 -35.46
CA GLY A 196 -27.51 8.94 -35.42
C GLY A 196 -28.60 7.89 -35.38
N THR A 197 -28.29 6.68 -35.82
CA THR A 197 -29.27 5.60 -35.88
C THR A 197 -29.11 4.58 -34.77
N GLN A 198 -27.89 4.34 -34.29
CA GLN A 198 -27.63 3.35 -33.27
C GLN A 198 -27.37 4.03 -31.93
N THR A 199 -27.86 3.41 -30.86
CA THR A 199 -27.65 3.87 -29.49
C THR A 199 -26.67 2.94 -28.79
N TYR A 200 -25.75 3.52 -28.03
CA TYR A 200 -24.73 2.75 -27.33
C TYR A 200 -24.86 3.00 -25.83
N ILE A 201 -25.08 1.92 -25.08
CA ILE A 201 -25.21 1.98 -23.62
C ILE A 201 -24.27 0.94 -23.04
N CYS A 202 -23.40 1.39 -22.14
CA CYS A 202 -22.51 0.48 -21.42
C CYS A 202 -23.17 0.08 -20.11
N ASN A 203 -23.14 -1.22 -19.83
CA ASN A 203 -23.72 -1.80 -18.63
C ASN A 203 -22.57 -2.20 -17.70
N VAL A 204 -22.47 -1.50 -16.57
CA VAL A 204 -21.46 -1.77 -15.57
C VAL A 204 -22.12 -2.51 -14.41
N ASN A 205 -21.55 -3.66 -14.05
CA ASN A 205 -22.04 -4.49 -12.97
C ASN A 205 -20.90 -4.71 -11.98
N HIS A 206 -21.13 -4.25 -10.75
CA HIS A 206 -20.20 -4.41 -9.64
C HIS A 206 -20.89 -5.22 -8.56
N LYS A 207 -20.48 -6.50 -8.43
CA LYS A 207 -21.15 -7.40 -7.50
C LYS A 207 -20.80 -7.08 -6.06
N PRO A 208 -19.53 -6.83 -5.69
CA PRO A 208 -19.25 -6.53 -4.28
C PRO A 208 -20.06 -5.38 -3.72
N SER A 209 -20.71 -4.56 -4.57
CA SER A 209 -21.58 -3.48 -4.10
C SER A 209 -23.02 -3.62 -4.57
N ASN A 210 -23.34 -4.67 -5.33
CA ASN A 210 -24.68 -4.89 -5.87
C ASN A 210 -25.13 -3.68 -6.69
N THR A 211 -24.24 -3.17 -7.54
CA THR A 211 -24.54 -1.99 -8.34
C THR A 211 -24.60 -2.37 -9.81
N LYS A 212 -25.65 -1.91 -10.50
CA LYS A 212 -25.83 -2.18 -11.92
C LYS A 212 -26.27 -0.88 -12.60
N VAL A 213 -25.35 -0.25 -13.33
CA VAL A 213 -25.57 1.06 -13.94
C VAL A 213 -25.48 0.93 -15.44
N ASP A 214 -26.52 1.37 -16.14
CA ASP A 214 -26.56 1.38 -17.60
C ASP A 214 -26.47 2.84 -18.06
N LYS A 215 -25.31 3.23 -18.56
CA LYS A 215 -25.07 4.61 -18.99
C LYS A 215 -25.06 4.66 -20.50
N LYS A 216 -25.94 5.47 -21.08
CA LYS A 216 -26.00 5.64 -22.53
C LYS A 216 -25.05 6.76 -22.93
N VAL A 217 -24.08 6.44 -23.78
CA VAL A 217 -23.08 7.41 -24.22
C VAL A 217 -23.60 8.06 -25.51
N GLU A 218 -23.99 9.33 -25.41
CA GLU A 218 -24.46 10.06 -26.57
C GLU A 218 -23.38 10.99 -27.11
N PRO A 219 -23.35 11.19 -28.42
CA PRO A 219 -22.33 12.08 -29.00
C PRO A 219 -22.59 13.54 -28.64
N LYS A 220 -21.50 14.29 -28.49
CA LYS A 220 -21.56 15.68 -28.10
C LYS A 220 -21.69 16.57 -29.33
N SER A 221 -22.65 17.50 -29.29
CA SER A 221 -22.92 18.38 -30.41
C SER A 221 -21.73 19.30 -30.70
N ASP B 1 22.06 -18.25 -2.18
CA ASP B 1 21.52 -19.49 -2.73
C ASP B 1 21.83 -19.61 -4.21
N ILE B 2 20.97 -20.33 -4.93
CA ILE B 2 21.07 -20.48 -6.37
C ILE B 2 20.14 -19.47 -7.02
N VAL B 3 20.68 -18.68 -7.94
CA VAL B 3 19.93 -17.63 -8.64
C VAL B 3 19.75 -18.04 -10.08
N MET B 4 18.53 -17.89 -10.59
CA MET B 4 18.19 -18.20 -11.97
C MET B 4 17.98 -16.91 -12.76
N THR B 5 18.49 -16.88 -13.99
CA THR B 5 18.37 -15.72 -14.86
C THR B 5 17.94 -16.18 -16.25
N GLN B 6 16.88 -15.56 -16.77
CA GLN B 6 16.35 -15.89 -18.09
C GLN B 6 16.62 -14.75 -19.08
N SER B 7 16.86 -15.14 -20.34
CA SER B 7 17.02 -14.17 -21.43
C SER B 7 16.31 -14.68 -22.67
N PRO B 8 15.58 -13.80 -23.39
CA PRO B 8 15.19 -12.45 -22.99
C PRO B 8 13.95 -12.47 -22.12
N LEU B 9 13.68 -11.37 -21.43
CA LEU B 9 12.52 -11.33 -20.56
C LEU B 9 11.22 -11.08 -21.31
N SER B 10 11.30 -10.77 -22.60
CA SER B 10 10.12 -10.51 -23.42
C SER B 10 10.45 -10.95 -24.84
N LEU B 11 9.77 -11.98 -25.34
CA LEU B 11 10.11 -12.59 -26.62
C LEU B 11 8.94 -12.57 -27.58
N PRO B 12 8.88 -11.62 -28.52
CA PRO B 12 7.84 -11.68 -29.55
C PRO B 12 8.31 -12.48 -30.75
N VAL B 13 7.52 -13.46 -31.16
CA VAL B 13 7.88 -14.38 -32.22
C VAL B 13 6.81 -14.32 -33.30
N THR B 14 7.25 -14.34 -34.55
CA THR B 14 6.30 -14.49 -35.65
C THR B 14 5.80 -15.93 -35.67
N PRO B 15 4.48 -16.14 -35.75
CA PRO B 15 3.96 -17.51 -35.74
C PRO B 15 4.62 -18.35 -36.82
N GLY B 16 4.95 -19.59 -36.47
CA GLY B 16 5.67 -20.47 -37.36
C GLY B 16 7.18 -20.39 -37.23
N GLU B 17 7.70 -19.30 -36.68
CA GLU B 17 9.13 -19.11 -36.49
C GLU B 17 9.58 -19.80 -35.19
N PRO B 18 10.85 -20.18 -35.12
CA PRO B 18 11.36 -20.80 -33.89
C PRO B 18 11.53 -19.77 -32.79
N ALA B 19 11.73 -20.28 -31.58
CA ALA B 19 11.99 -19.43 -30.41
C ALA B 19 12.97 -20.13 -29.50
N SER B 20 13.74 -19.32 -28.76
CA SER B 20 14.77 -19.82 -27.88
C SER B 20 14.79 -18.98 -26.60
N ILE B 21 14.84 -19.64 -25.46
CA ILE B 21 14.91 -18.97 -24.16
C ILE B 21 16.09 -19.53 -23.40
N SER B 22 17.01 -18.66 -22.99
CA SER B 22 18.18 -19.09 -22.24
C SER B 22 17.92 -18.97 -20.74
N CYS B 23 18.54 -19.88 -19.98
CA CYS B 23 18.41 -19.94 -18.54
C CYS B 23 19.77 -20.27 -17.95
N LYS B 24 20.24 -19.43 -17.04
CA LYS B 24 21.54 -19.64 -16.41
C LYS B 24 21.38 -19.61 -14.89
N SER B 25 22.05 -20.52 -14.21
CA SER B 25 22.00 -20.62 -12.75
C SER B 25 23.33 -20.21 -12.14
N SER B 26 23.26 -19.70 -10.91
CA SER B 26 24.47 -19.26 -10.21
C SER B 26 25.41 -20.42 -9.95
N GLN B 27 24.86 -21.59 -9.64
CA GLN B 27 25.66 -22.78 -9.37
C GLN B 27 25.20 -23.91 -10.29
N SER B 28 26.05 -24.93 -10.39
CA SER B 28 25.73 -26.08 -11.23
C SER B 28 24.54 -26.85 -10.65
N LEU B 29 23.67 -27.33 -11.54
CA LEU B 29 22.48 -28.09 -11.16
C LEU B 29 22.65 -29.58 -11.40
N LEU B 30 23.86 -30.03 -11.71
CA LEU B 30 24.13 -31.43 -11.98
C LEU B 30 24.40 -32.18 -10.68
N HIS B 31 23.66 -33.27 -10.47
CA HIS B 31 23.85 -34.12 -9.29
C HIS B 31 24.93 -35.15 -9.61
N SER B 32 25.87 -35.31 -8.67
CA SER B 32 27.01 -36.19 -8.93
C SER B 32 26.59 -37.66 -8.96
N ARG B 33 25.57 -38.03 -8.19
CA ARG B 33 25.14 -39.42 -8.07
C ARG B 33 24.11 -39.80 -9.13
N THR B 34 23.05 -39.00 -9.28
CA THR B 34 22.01 -39.33 -10.25
C THR B 34 22.37 -38.90 -11.67
N ARG B 35 23.37 -38.03 -11.83
CA ARG B 35 23.80 -37.54 -13.13
C ARG B 35 22.74 -36.69 -13.82
N LYS B 36 21.73 -36.22 -13.09
CA LYS B 36 20.66 -35.43 -13.67
C LYS B 36 20.87 -33.94 -13.38
N ASN B 37 20.44 -33.11 -14.33
CA ASN B 37 20.36 -31.67 -14.13
C ASN B 37 18.96 -31.33 -13.67
N TYR B 38 18.81 -30.96 -12.41
CA TYR B 38 17.49 -30.70 -11.84
C TYR B 38 17.04 -29.28 -12.20
N LEU B 39 16.69 -29.13 -13.48
CA LEU B 39 16.14 -27.92 -14.02
C LEU B 39 14.89 -28.24 -14.83
N ALA B 40 13.85 -27.43 -14.66
CA ALA B 40 12.57 -27.67 -15.31
C ALA B 40 12.12 -26.38 -16.01
N TRP B 41 11.28 -26.57 -17.02
CA TRP B 41 10.62 -25.48 -17.72
C TRP B 41 9.12 -25.62 -17.54
N TYR B 42 8.50 -24.57 -17.00
CA TYR B 42 7.06 -24.43 -16.82
C TYR B 42 6.53 -23.33 -17.74
N LEU B 43 5.29 -23.48 -18.19
CA LEU B 43 4.60 -22.45 -18.95
C LEU B 43 3.32 -22.07 -18.22
N GLN B 44 3.15 -20.78 -17.97
CA GLN B 44 1.95 -20.23 -17.36
C GLN B 44 1.21 -19.42 -18.41
N LYS B 45 0.09 -19.93 -18.87
CA LYS B 45 -0.74 -19.19 -19.81
C LYS B 45 -1.65 -18.22 -19.06
N PRO B 46 -2.17 -17.21 -19.75
CA PRO B 46 -2.98 -16.19 -19.08
C PRO B 46 -4.10 -16.79 -18.26
N GLY B 47 -4.17 -16.39 -16.99
CA GLY B 47 -5.24 -16.83 -16.12
C GLY B 47 -5.21 -18.29 -15.74
N GLN B 48 -4.02 -18.91 -15.77
CA GLN B 48 -3.91 -20.31 -15.41
C GLN B 48 -2.70 -20.53 -14.53
N SER B 49 -2.73 -21.63 -13.80
CA SER B 49 -1.58 -22.02 -13.00
C SER B 49 -0.46 -22.52 -13.91
N PRO B 50 0.77 -22.56 -13.42
CA PRO B 50 1.87 -23.07 -14.24
C PRO B 50 1.67 -24.54 -14.57
N GLN B 51 2.14 -24.94 -15.75
CA GLN B 51 2.16 -26.34 -16.14
C GLN B 51 3.59 -26.75 -16.47
N LEU B 52 3.92 -28.00 -16.17
CA LEU B 52 5.27 -28.52 -16.41
C LEU B 52 5.44 -28.88 -17.88
N LEU B 53 6.48 -28.34 -18.50
CA LEU B 53 6.83 -28.69 -19.87
C LEU B 53 8.02 -29.63 -19.94
N ILE B 54 9.11 -29.29 -19.25
CA ILE B 54 10.35 -30.05 -19.37
C ILE B 54 10.93 -30.26 -17.98
N TYR B 55 11.52 -31.44 -17.76
CA TYR B 55 12.22 -31.73 -16.52
C TYR B 55 13.55 -32.41 -16.83
N TRP B 56 14.42 -32.46 -15.84
CA TRP B 56 15.78 -32.99 -16.03
C TRP B 56 16.47 -32.31 -17.20
N ALA B 57 16.16 -31.02 -17.40
CA ALA B 57 16.81 -30.20 -18.42
C ALA B 57 16.30 -30.47 -19.84
N SER B 58 16.16 -31.75 -20.23
CA SER B 58 15.88 -32.08 -21.61
C SER B 58 14.78 -33.12 -21.82
N THR B 59 14.16 -33.64 -20.76
CA THR B 59 13.10 -34.63 -20.92
C THR B 59 11.76 -33.92 -21.04
N ARG B 60 11.03 -34.22 -22.11
CA ARG B 60 9.73 -33.61 -22.33
C ARG B 60 8.65 -34.36 -21.56
N GLU B 61 7.81 -33.62 -20.84
CA GLU B 61 6.70 -34.20 -20.10
C GLU B 61 5.66 -34.80 -21.05
N SER B 62 5.02 -35.88 -20.58
CA SER B 62 3.99 -36.56 -21.37
C SER B 62 2.90 -35.58 -21.79
N GLY B 63 2.61 -35.56 -23.09
CA GLY B 63 1.56 -34.73 -23.64
C GLY B 63 2.03 -33.42 -24.24
N VAL B 64 3.20 -32.95 -23.85
CA VAL B 64 3.74 -31.69 -24.38
C VAL B 64 4.16 -31.91 -25.83
N PRO B 65 3.77 -31.03 -26.76
CA PRO B 65 4.09 -31.26 -28.18
C PRO B 65 5.59 -31.33 -28.42
N ASP B 66 5.97 -32.03 -29.48
CA ASP B 66 7.37 -32.26 -29.79
C ASP B 66 8.13 -30.99 -30.14
N ARG B 67 7.44 -29.92 -30.54
CA ARG B 67 8.13 -28.68 -30.88
C ARG B 67 8.81 -28.04 -29.68
N PHE B 68 8.41 -28.41 -28.46
CA PHE B 68 9.12 -27.99 -27.26
C PHE B 68 10.28 -28.94 -26.98
N SER B 69 11.47 -28.37 -26.77
CA SER B 69 12.64 -29.19 -26.46
C SER B 69 13.53 -28.44 -25.49
N GLY B 70 14.17 -29.19 -24.60
CA GLY B 70 15.11 -28.64 -23.65
C GLY B 70 16.52 -29.15 -23.92
N SER B 71 17.51 -28.35 -23.54
CA SER B 71 18.90 -28.79 -23.67
C SER B 71 19.76 -28.00 -22.69
N GLY B 72 20.99 -28.45 -22.51
CA GLY B 72 21.93 -27.81 -21.61
C GLY B 72 22.30 -28.71 -20.45
N SER B 73 23.22 -28.19 -19.64
CA SER B 73 23.74 -28.96 -18.52
C SER B 73 24.66 -28.09 -17.67
N GLY B 74 24.71 -28.38 -16.38
CA GLY B 74 25.53 -27.61 -15.47
C GLY B 74 24.88 -26.30 -15.07
N THR B 75 25.23 -25.22 -15.79
CA THR B 75 24.69 -23.90 -15.51
C THR B 75 23.98 -23.26 -16.70
N ASP B 76 24.24 -23.71 -17.93
CA ASP B 76 23.64 -23.14 -19.12
C ASP B 76 22.56 -24.09 -19.65
N PHE B 77 21.36 -23.56 -19.85
CA PHE B 77 20.24 -24.34 -20.37
C PHE B 77 19.44 -23.50 -21.35
N THR B 78 18.70 -24.20 -22.21
CA THR B 78 17.95 -23.55 -23.27
C THR B 78 16.65 -24.30 -23.51
N LEU B 79 15.59 -23.54 -23.73
CA LEU B 79 14.28 -24.06 -24.13
C LEU B 79 14.02 -23.58 -25.54
N LYS B 80 13.73 -24.52 -26.44
CA LYS B 80 13.52 -24.23 -27.85
C LYS B 80 12.12 -24.63 -28.27
N ILE B 81 11.54 -23.83 -29.16
CA ILE B 81 10.25 -24.13 -29.78
C ILE B 81 10.47 -24.06 -31.29
N SER B 82 10.37 -25.22 -31.95
CA SER B 82 10.68 -25.27 -33.38
C SER B 82 9.74 -24.39 -34.18
N ARG B 83 8.44 -24.49 -33.94
CA ARG B 83 7.44 -23.69 -34.62
C ARG B 83 6.52 -23.08 -33.57
N VAL B 84 6.66 -21.78 -33.34
CA VAL B 84 5.83 -21.11 -32.36
C VAL B 84 4.41 -20.98 -32.89
N GLU B 85 3.44 -21.46 -32.12
CA GLU B 85 2.04 -21.38 -32.49
C GLU B 85 1.32 -20.40 -31.58
N ALA B 86 0.08 -20.07 -31.95
CA ALA B 86 -0.66 -19.05 -31.21
C ALA B 86 -0.91 -19.48 -29.77
N GLU B 87 -1.14 -20.77 -29.54
CA GLU B 87 -1.47 -21.27 -28.22
C GLU B 87 -0.28 -21.28 -27.27
N ASP B 88 0.90 -20.85 -27.72
CA ASP B 88 2.09 -20.91 -26.88
C ASP B 88 2.34 -19.61 -26.12
N VAL B 89 1.56 -18.56 -26.36
CA VAL B 89 1.79 -17.29 -25.69
C VAL B 89 1.62 -17.47 -24.18
N GLY B 90 2.46 -16.79 -23.43
CA GLY B 90 2.41 -16.92 -21.98
C GLY B 90 3.79 -16.74 -21.40
N VAL B 91 3.92 -16.94 -20.10
CA VAL B 91 5.19 -16.72 -19.42
C VAL B 91 5.86 -18.07 -19.19
N TYR B 92 7.08 -18.19 -19.70
CA TYR B 92 7.90 -19.39 -19.52
C TYR B 92 8.88 -19.16 -18.39
N TYR B 93 8.86 -20.05 -17.40
CA TYR B 93 9.77 -19.99 -16.27
C TYR B 93 10.68 -21.21 -16.31
N CYS B 94 11.95 -21.01 -15.99
CA CYS B 94 12.83 -22.11 -15.64
C CYS B 94 12.98 -22.15 -14.13
N LYS B 95 13.02 -23.35 -13.58
CA LYS B 95 13.09 -23.53 -12.13
C LYS B 95 14.12 -24.60 -11.81
N GLN B 96 15.02 -24.30 -10.87
CA GLN B 96 15.99 -25.29 -10.40
C GLN B 96 15.46 -25.97 -9.15
N SER B 97 15.75 -27.26 -9.02
CA SER B 97 15.40 -28.01 -7.82
C SER B 97 16.58 -28.84 -7.31
N TYR B 98 17.80 -28.49 -7.71
CA TYR B 98 18.98 -29.19 -7.21
C TYR B 98 19.17 -28.94 -5.72
N ASN B 99 19.10 -27.68 -5.31
CA ASN B 99 19.16 -27.33 -3.89
C ASN B 99 18.08 -26.29 -3.64
N LEU B 100 17.03 -26.68 -2.91
CA LEU B 100 15.86 -25.83 -2.78
C LEU B 100 15.26 -25.61 -4.15
N TYR B 101 14.50 -24.52 -4.32
CA TYR B 101 13.78 -24.27 -5.56
C TYR B 101 13.85 -22.79 -5.87
N ALA B 102 14.06 -22.46 -7.15
CA ALA B 102 14.18 -21.07 -7.56
C ALA B 102 13.71 -20.92 -9.00
N PHE B 103 12.84 -19.94 -9.24
CA PHE B 103 12.32 -19.65 -10.57
C PHE B 103 13.10 -18.52 -11.22
N GLY B 104 13.17 -18.55 -12.55
CA GLY B 104 13.68 -17.41 -13.28
C GLY B 104 12.67 -16.28 -13.32
N GLN B 105 13.10 -15.15 -13.86
CA GLN B 105 12.21 -13.98 -13.90
C GLN B 105 10.99 -14.25 -14.76
N GLY B 106 11.11 -15.13 -15.76
CA GLY B 106 10.02 -15.43 -16.65
C GLY B 106 10.15 -14.71 -17.97
N THR B 107 9.85 -15.40 -19.07
CA THR B 107 9.91 -14.83 -20.42
C THR B 107 8.51 -14.81 -20.99
N LYS B 108 7.99 -13.62 -21.26
CA LYS B 108 6.65 -13.49 -21.82
C LYS B 108 6.72 -13.66 -23.32
N LEU B 109 6.27 -14.81 -23.80
CA LEU B 109 6.21 -15.08 -25.23
C LEU B 109 4.92 -14.48 -25.78
N GLU B 110 5.09 -13.52 -26.70
CA GLU B 110 4.02 -12.79 -27.36
C GLU B 110 4.17 -12.95 -28.87
N ILE B 111 3.17 -12.47 -29.61
CA ILE B 111 3.14 -12.62 -31.06
C ILE B 111 3.75 -11.40 -31.72
N LYS B 112 4.58 -11.65 -32.73
CA LYS B 112 5.23 -10.59 -33.47
C LYS B 112 4.40 -10.26 -34.71
N ARG B 113 4.14 -8.96 -34.90
CA ARG B 113 3.31 -8.47 -35.98
C ARG B 113 3.97 -7.25 -36.60
N THR B 114 3.52 -6.88 -37.81
CA THR B 114 4.04 -5.69 -38.45
C THR B 114 3.71 -4.45 -37.61
N VAL B 115 4.53 -3.41 -37.75
CA VAL B 115 4.33 -2.20 -36.98
C VAL B 115 2.98 -1.59 -37.35
N ALA B 116 2.20 -1.20 -36.33
CA ALA B 116 0.90 -0.59 -36.52
C ALA B 116 0.84 0.70 -35.73
N ALA B 117 0.52 1.80 -36.39
CA ALA B 117 0.45 3.07 -35.69
C ALA B 117 -0.84 3.17 -34.88
N PRO B 118 -0.80 3.78 -33.71
CA PRO B 118 -2.00 3.86 -32.88
C PRO B 118 -2.95 4.94 -33.36
N SER B 119 -4.24 4.69 -33.18
CA SER B 119 -5.23 5.74 -33.39
C SER B 119 -5.43 6.45 -32.05
N VAL B 120 -5.22 7.77 -32.03
CA VAL B 120 -5.25 8.54 -30.80
C VAL B 120 -6.57 9.28 -30.72
N PHE B 121 -7.21 9.22 -29.55
CA PHE B 121 -8.47 9.91 -29.31
C PHE B 121 -8.41 10.58 -27.94
N ILE B 122 -9.11 11.69 -27.79
CA ILE B 122 -9.16 12.42 -26.53
C ILE B 122 -10.61 12.67 -26.16
N PHE B 123 -10.97 12.28 -24.93
CA PHE B 123 -12.30 12.49 -24.38
C PHE B 123 -12.21 13.48 -23.23
N PRO B 124 -12.88 14.63 -23.31
CA PRO B 124 -12.87 15.58 -22.21
C PRO B 124 -13.78 15.12 -21.09
N PRO B 125 -13.68 15.73 -19.90
CA PRO B 125 -14.52 15.28 -18.79
C PRO B 125 -15.99 15.48 -19.10
N SER B 126 -16.82 14.59 -18.56
CA SER B 126 -18.25 14.67 -18.77
C SER B 126 -18.86 15.73 -17.86
N ASP B 127 -20.08 16.16 -18.21
CA ASP B 127 -20.77 17.12 -17.37
C ASP B 127 -21.13 16.53 -16.02
N GLU B 128 -21.45 15.24 -15.97
CA GLU B 128 -21.81 14.63 -14.70
C GLU B 128 -20.63 14.60 -13.73
N GLN B 129 -19.43 14.33 -14.25
CA GLN B 129 -18.27 14.22 -13.37
C GLN B 129 -17.91 15.57 -12.75
N LEU B 130 -18.06 16.65 -13.51
CA LEU B 130 -17.71 17.97 -12.99
C LEU B 130 -18.58 18.38 -11.82
N LYS B 131 -19.79 17.83 -11.72
CA LYS B 131 -20.66 18.15 -10.59
C LYS B 131 -20.14 17.58 -9.28
N SER B 132 -19.19 16.63 -9.34
CA SER B 132 -18.63 16.04 -8.14
C SER B 132 -17.34 16.70 -7.68
N GLY B 133 -16.79 17.64 -8.45
CA GLY B 133 -15.58 18.33 -8.07
C GLY B 133 -14.30 17.72 -8.60
N THR B 134 -14.37 16.89 -9.64
CA THR B 134 -13.19 16.26 -10.21
C THR B 134 -13.43 16.06 -11.70
N ALA B 135 -12.35 16.14 -12.47
CA ALA B 135 -12.39 15.97 -13.92
C ALA B 135 -11.36 14.93 -14.32
N SER B 136 -11.70 14.13 -15.33
CA SER B 136 -10.82 13.10 -15.86
C SER B 136 -10.81 13.21 -17.37
N VAL B 137 -9.64 13.49 -17.94
CA VAL B 137 -9.47 13.58 -19.38
C VAL B 137 -8.80 12.30 -19.85
N VAL B 138 -9.41 11.62 -20.82
CA VAL B 138 -8.95 10.30 -21.23
C VAL B 138 -8.29 10.42 -22.61
N CYS B 139 -7.13 9.80 -22.75
CA CYS B 139 -6.42 9.69 -24.01
C CYS B 139 -6.33 8.21 -24.35
N LEU B 140 -6.68 7.87 -25.59
CA LEU B 140 -6.80 6.48 -26.01
C LEU B 140 -5.88 6.26 -27.20
N LEU B 141 -4.99 5.28 -27.07
CA LEU B 141 -4.17 4.77 -28.16
C LEU B 141 -4.72 3.42 -28.54
N ASN B 142 -5.15 3.27 -29.79
CA ASN B 142 -5.93 2.12 -30.21
C ASN B 142 -5.18 1.32 -31.26
N ASN B 143 -5.07 0.00 -31.03
CA ASN B 143 -4.57 -0.95 -32.01
C ASN B 143 -3.23 -0.53 -32.58
N PHE B 144 -2.16 -0.75 -31.83
CA PHE B 144 -0.81 -0.42 -32.28
C PHE B 144 0.14 -1.55 -31.92
N TYR B 145 1.30 -1.55 -32.57
CA TYR B 145 2.35 -2.53 -32.27
C TYR B 145 3.67 -1.96 -32.77
N PRO B 146 4.78 -2.14 -32.02
CA PRO B 146 4.83 -2.89 -30.77
C PRO B 146 4.22 -2.13 -29.59
N ARG B 147 4.38 -2.68 -28.38
CA ARG B 147 3.77 -2.07 -27.20
C ARG B 147 4.45 -0.76 -26.81
N GLU B 148 5.73 -0.62 -27.10
CA GLU B 148 6.48 0.57 -26.69
C GLU B 148 5.85 1.83 -27.25
N ALA B 149 5.31 2.67 -26.37
CA ALA B 149 4.73 3.93 -26.78
C ALA B 149 4.73 4.88 -25.59
N LYS B 150 4.90 6.16 -25.86
CA LYS B 150 4.95 7.18 -24.83
C LYS B 150 3.78 8.15 -25.00
N VAL B 151 3.15 8.50 -23.88
CA VAL B 151 2.09 9.50 -23.87
C VAL B 151 2.51 10.64 -22.94
N GLN B 152 2.35 11.88 -23.40
CA GLN B 152 2.65 13.05 -22.60
C GLN B 152 1.44 13.97 -22.57
N TRP B 153 1.13 14.51 -21.39
CA TRP B 153 -0.03 15.39 -21.20
C TRP B 153 0.42 16.83 -21.16
N LYS B 154 -0.15 17.66 -22.04
CA LYS B 154 0.12 19.09 -22.08
C LYS B 154 -1.18 19.85 -21.86
N VAL B 155 -1.17 20.74 -20.87
CA VAL B 155 -2.30 21.61 -20.55
C VAL B 155 -1.82 23.04 -20.75
N ASP B 156 -2.33 23.71 -21.79
CA ASP B 156 -1.80 25.01 -22.20
C ASP B 156 -0.32 24.90 -22.54
N ASN B 157 0.06 23.81 -23.19
CA ASN B 157 1.45 23.50 -23.57
C ASN B 157 2.35 23.27 -22.36
N ALA B 158 1.78 23.11 -21.18
CA ALA B 158 2.54 22.86 -19.95
C ALA B 158 2.55 21.35 -19.70
N LEU B 159 3.73 20.75 -19.80
CA LEU B 159 3.86 19.31 -19.61
C LEU B 159 3.44 18.92 -18.20
N GLN B 160 2.62 17.87 -18.11
CA GLN B 160 2.09 17.39 -16.85
C GLN B 160 2.90 16.19 -16.37
N SER B 161 2.88 15.97 -15.06
CA SER B 161 3.62 14.88 -14.45
C SER B 161 2.96 14.50 -13.13
N GLY B 162 2.94 13.20 -12.85
CA GLY B 162 2.43 12.70 -11.58
C GLY B 162 0.94 12.77 -11.41
N ASN B 163 0.18 13.14 -12.45
CA ASN B 163 -1.27 13.21 -12.36
C ASN B 163 -1.96 12.43 -13.46
N SER B 164 -1.28 11.42 -14.02
CA SER B 164 -1.82 10.64 -15.14
C SER B 164 -1.65 9.16 -14.85
N GLN B 165 -2.73 8.40 -14.99
CA GLN B 165 -2.72 6.96 -14.89
C GLN B 165 -2.65 6.35 -16.29
N GLU B 166 -2.06 5.16 -16.38
CA GLU B 166 -1.86 4.52 -17.68
C GLU B 166 -2.19 3.03 -17.58
N SER B 167 -2.94 2.53 -18.56
CA SER B 167 -3.38 1.14 -18.58
C SER B 167 -3.34 0.62 -20.01
N VAL B 168 -2.77 -0.58 -20.19
CA VAL B 168 -2.61 -1.20 -21.50
C VAL B 168 -3.29 -2.56 -21.49
N THR B 169 -3.93 -2.90 -22.60
CA THR B 169 -4.57 -4.20 -22.74
C THR B 169 -3.57 -5.25 -23.22
N GLU B 170 -3.91 -6.51 -22.98
CA GLU B 170 -3.09 -7.60 -23.46
C GLU B 170 -3.22 -7.73 -24.98
N GLN B 171 -2.27 -8.44 -25.58
CA GLN B 171 -2.22 -8.53 -27.03
C GLN B 171 -3.52 -9.11 -27.57
N ASP B 172 -4.16 -8.38 -28.48
CA ASP B 172 -5.43 -8.82 -29.04
C ASP B 172 -5.27 -10.16 -29.73
N SER B 173 -6.24 -11.05 -29.50
CA SER B 173 -6.17 -12.40 -30.05
C SER B 173 -6.41 -12.41 -31.56
N LYS B 174 -7.09 -11.41 -32.11
CA LYS B 174 -7.37 -11.39 -33.54
C LYS B 174 -6.26 -10.70 -34.32
N ASP B 175 -5.96 -9.44 -34.01
CA ASP B 175 -5.01 -8.66 -34.78
C ASP B 175 -3.68 -8.45 -34.06
N SER B 176 -3.53 -8.96 -32.84
CA SER B 176 -2.25 -8.91 -32.11
C SER B 176 -1.79 -7.48 -31.83
N THR B 177 -2.72 -6.56 -31.65
CA THR B 177 -2.37 -5.17 -31.36
C THR B 177 -2.61 -4.86 -29.89
N TYR B 178 -2.15 -3.68 -29.48
CA TYR B 178 -2.30 -3.21 -28.11
C TYR B 178 -3.16 -1.95 -28.08
N SER B 179 -3.72 -1.68 -26.91
CA SER B 179 -4.46 -0.45 -26.67
C SER B 179 -4.11 0.07 -25.29
N LEU B 180 -4.02 1.39 -25.18
CA LEU B 180 -3.60 2.08 -23.97
C LEU B 180 -4.60 3.19 -23.66
N SER B 181 -4.89 3.39 -22.38
CA SER B 181 -5.76 4.47 -21.94
C SER B 181 -5.04 5.21 -20.82
N SER B 182 -4.70 6.47 -21.08
CA SER B 182 -4.13 7.36 -20.08
C SER B 182 -5.23 8.27 -19.57
N THR B 183 -5.28 8.48 -18.24
CA THR B 183 -6.31 9.30 -17.63
C THR B 183 -5.65 10.38 -16.79
N LEU B 184 -5.85 11.63 -17.19
CA LEU B 184 -5.38 12.78 -16.44
C LEU B 184 -6.47 13.21 -15.47
N THR B 185 -6.16 13.21 -14.19
CA THR B 185 -7.11 13.60 -13.15
C THR B 185 -6.78 15.01 -12.65
N LEU B 186 -7.78 15.88 -12.66
CA LEU B 186 -7.61 17.24 -12.17
C LEU B 186 -8.81 17.60 -11.31
N SER B 187 -8.65 18.66 -10.53
CA SER B 187 -9.75 19.20 -9.76
C SER B 187 -10.57 20.11 -10.65
N LYS B 188 -11.90 20.07 -10.49
CA LYS B 188 -12.76 20.91 -11.31
C LYS B 188 -12.27 22.34 -11.31
N ALA B 189 -11.88 22.84 -10.13
CA ALA B 189 -11.34 24.19 -10.04
C ALA B 189 -10.10 24.33 -10.92
N ASP B 190 -9.12 23.47 -10.73
CA ASP B 190 -7.90 23.55 -11.54
C ASP B 190 -8.13 23.10 -12.98
N TYR B 191 -9.26 22.44 -13.27
CA TYR B 191 -9.56 22.09 -14.64
C TYR B 191 -10.11 23.29 -15.41
N GLU B 192 -11.02 24.05 -14.80
CA GLU B 192 -11.62 25.20 -15.46
C GLU B 192 -10.68 26.40 -15.53
N LYS B 193 -9.51 26.34 -14.90
CA LYS B 193 -8.54 27.42 -14.98
C LYS B 193 -7.75 27.43 -16.28
N HIS B 194 -7.78 26.34 -17.03
CA HIS B 194 -7.06 26.21 -18.29
C HIS B 194 -8.03 25.89 -19.43
N LYS B 195 -7.54 26.02 -20.66
CA LYS B 195 -8.38 25.89 -21.85
C LYS B 195 -8.00 24.72 -22.73
N VAL B 196 -6.72 24.61 -23.12
CA VAL B 196 -6.28 23.59 -24.08
C VAL B 196 -5.75 22.38 -23.31
N TYR B 197 -6.27 21.20 -23.64
CA TYR B 197 -5.84 19.94 -23.07
C TYR B 197 -5.47 19.01 -24.21
N ALA B 198 -4.29 18.39 -24.14
CA ALA B 198 -3.86 17.54 -25.23
C ALA B 198 -2.95 16.43 -24.71
N CYS B 199 -2.92 15.34 -25.47
CA CYS B 199 -1.96 14.27 -25.25
C CYS B 199 -1.15 14.06 -26.53
N GLU B 200 0.15 13.94 -26.35
CA GLU B 200 1.11 13.74 -27.44
C GLU B 200 1.62 12.32 -27.36
N VAL B 201 1.41 11.57 -28.42
CA VAL B 201 1.77 10.16 -28.51
C VAL B 201 3.02 10.04 -29.36
N THR B 202 3.99 9.27 -28.85
CA THR B 202 5.20 8.93 -29.58
C THR B 202 5.23 7.42 -29.75
N HIS B 203 5.32 6.97 -30.99
CA HIS B 203 5.34 5.54 -31.30
C HIS B 203 6.18 5.32 -32.55
N GLN B 204 6.69 4.10 -32.69
CA GLN B 204 7.54 3.77 -33.83
C GLN B 204 6.81 3.92 -35.16
N GLY B 205 5.52 3.62 -35.18
CA GLY B 205 4.75 3.70 -36.41
C GLY B 205 4.45 5.11 -36.89
N LEU B 206 4.69 6.12 -36.05
CA LEU B 206 4.41 7.50 -36.40
C LEU B 206 5.70 8.20 -36.83
N SER B 207 5.64 8.92 -37.94
CA SER B 207 6.80 9.68 -38.39
C SER B 207 7.12 10.82 -37.43
N SER B 208 6.12 11.32 -36.72
CA SER B 208 6.31 12.43 -35.79
C SER B 208 5.32 12.26 -34.65
N PRO B 209 5.61 12.82 -33.48
CA PRO B 209 4.68 12.72 -32.35
C PRO B 209 3.32 13.30 -32.70
N VAL B 210 2.28 12.49 -32.53
CA VAL B 210 0.92 12.89 -32.88
C VAL B 210 0.27 13.55 -31.66
N THR B 211 -0.19 14.79 -31.83
CA THR B 211 -0.81 15.54 -30.76
C THR B 211 -2.32 15.58 -30.97
N LYS B 212 -3.08 15.24 -29.93
CA LYS B 212 -4.53 15.27 -29.96
C LYS B 212 -4.99 16.21 -28.86
N SER B 213 -5.72 17.26 -29.24
CA SER B 213 -6.04 18.35 -28.35
C SER B 213 -7.52 18.71 -28.42
N PHE B 214 -7.93 19.51 -27.44
CA PHE B 214 -9.28 20.07 -27.41
C PHE B 214 -9.27 21.27 -26.47
N ASN B 215 -10.09 22.26 -26.80
CA ASN B 215 -10.25 23.46 -25.99
C ASN B 215 -11.47 23.30 -25.09
N ARG B 216 -11.30 23.56 -23.80
CA ARG B 216 -12.39 23.37 -22.86
C ARG B 216 -13.57 24.25 -23.21
N GLY B 217 -14.74 23.63 -23.32
CA GLY B 217 -15.96 24.36 -23.61
C GLY B 217 -16.21 24.59 -25.09
N GLU B 218 -15.71 23.71 -25.95
CA GLU B 218 -15.95 23.81 -27.39
C GLU B 218 -16.50 22.49 -27.89
N CYS B 219 -17.60 22.55 -28.63
CA CYS B 219 -18.22 21.36 -29.19
C CYS B 219 -17.83 21.16 -30.65
N THR C 2 26.92 -68.66 -19.65
CA THR C 2 26.93 -67.30 -19.15
C THR C 2 27.10 -67.27 -17.63
N GLY C 3 28.16 -66.64 -17.16
CA GLY C 3 28.48 -66.62 -15.74
C GLY C 3 29.25 -65.40 -15.31
N PHE C 4 30.20 -65.61 -14.39
CA PHE C 4 30.94 -64.51 -13.78
C PHE C 4 31.66 -63.65 -14.81
N VAL C 5 32.48 -64.27 -15.67
CA VAL C 5 33.25 -63.50 -16.63
C VAL C 5 32.37 -62.84 -17.67
N ASN C 6 31.07 -63.11 -17.67
CA ASN C 6 30.13 -62.45 -18.54
C ASN C 6 29.38 -61.31 -17.85
N LYS C 7 29.96 -60.75 -16.78
CA LYS C 7 29.27 -59.73 -15.99
C LYS C 7 28.64 -58.66 -16.90
N ASP C 8 29.48 -57.97 -17.68
CA ASP C 8 28.99 -56.89 -18.52
C ASP C 8 27.81 -57.32 -19.38
N GLN C 9 27.90 -58.52 -19.98
CA GLN C 9 26.78 -58.97 -20.80
C GLN C 9 25.52 -59.15 -19.97
N ILE C 10 25.64 -59.84 -18.84
CA ILE C 10 24.47 -60.16 -18.04
C ILE C 10 23.79 -58.89 -17.56
N ALA C 11 24.59 -57.96 -17.02
CA ALA C 11 24.03 -56.68 -16.59
C ALA C 11 23.30 -56.01 -17.74
N LYS C 12 23.92 -56.01 -18.93
CA LYS C 12 23.29 -55.40 -20.09
C LYS C 12 21.92 -56.01 -20.34
N ASP C 13 21.83 -57.34 -20.22
CA ASP C 13 20.55 -58.00 -20.40
C ASP C 13 19.58 -57.62 -19.30
N VAL C 14 20.02 -57.63 -18.05
CA VAL C 14 19.11 -57.33 -16.95
C VAL C 14 18.54 -55.94 -17.14
N LYS C 15 19.39 -54.97 -17.46
CA LYS C 15 18.91 -53.62 -17.73
C LYS C 15 17.88 -53.64 -18.85
N GLN C 16 18.18 -54.34 -19.95
CA GLN C 16 17.21 -54.44 -21.02
C GLN C 16 15.90 -55.02 -20.50
N PHE C 17 16.00 -56.11 -19.73
CA PHE C 17 14.80 -56.69 -19.15
C PHE C 17 14.02 -55.62 -18.40
N TYR C 18 14.70 -54.88 -17.52
CA TYR C 18 14.00 -53.84 -16.77
C TYR C 18 13.30 -52.90 -17.73
N ASP C 19 14.03 -52.42 -18.74
CA ASP C 19 13.41 -51.49 -19.68
C ASP C 19 12.12 -52.08 -20.22
N GLN C 20 12.16 -53.32 -20.68
CA GLN C 20 10.98 -53.94 -21.25
C GLN C 20 9.83 -53.89 -20.24
N ALA C 21 10.08 -54.37 -19.04
CA ALA C 21 9.04 -54.35 -18.01
C ALA C 21 8.53 -52.93 -17.83
N LEU C 22 9.45 -51.98 -17.67
CA LEU C 22 9.05 -50.59 -17.47
C LEU C 22 8.18 -50.12 -18.61
N GLN C 23 8.60 -50.40 -19.84
CA GLN C 23 7.81 -49.94 -20.98
C GLN C 23 6.41 -50.55 -20.93
N GLN C 24 6.33 -51.85 -20.62
CA GLN C 24 5.04 -52.50 -20.53
C GLN C 24 4.22 -51.97 -19.36
N ALA C 25 4.88 -51.58 -18.27
CA ALA C 25 4.15 -51.22 -17.07
C ALA C 25 3.36 -49.92 -17.23
N VAL C 26 3.85 -48.98 -18.03
CA VAL C 26 3.19 -47.69 -18.14
C VAL C 26 2.31 -47.61 -19.38
N VAL C 27 2.67 -48.38 -20.42
CA VAL C 27 1.92 -48.31 -21.68
C VAL C 27 0.55 -48.94 -21.54
N ASP C 28 0.44 -50.03 -20.79
CA ASP C 28 -0.80 -50.78 -20.71
C ASP C 28 -1.24 -50.96 -19.26
N ASP C 29 -2.52 -51.32 -19.08
CA ASP C 29 -3.07 -51.52 -17.76
C ASP C 29 -3.45 -52.97 -17.50
N ASP C 30 -3.30 -53.84 -18.50
CA ASP C 30 -3.39 -55.28 -18.32
C ASP C 30 -2.07 -55.88 -17.86
N ALA C 31 -0.96 -55.18 -18.11
CA ALA C 31 0.37 -55.69 -17.76
C ALA C 31 0.55 -55.48 -16.27
N ASN C 32 0.07 -56.45 -15.49
CA ASN C 32 0.21 -56.38 -14.04
C ASN C 32 1.48 -57.07 -13.58
N ASN C 33 1.96 -58.06 -14.34
CA ASN C 33 3.21 -58.69 -13.97
C ASN C 33 4.37 -57.74 -14.23
N ALA C 34 4.30 -56.96 -15.32
CA ALA C 34 5.36 -55.98 -15.57
C ALA C 34 5.38 -54.91 -14.49
N LYS C 35 4.20 -54.48 -14.05
CA LYS C 35 4.12 -53.52 -12.95
C LYS C 35 4.73 -54.11 -11.67
N ALA C 36 4.42 -55.37 -11.37
CA ALA C 36 4.98 -56.02 -10.20
C ALA C 36 6.50 -56.14 -10.32
N VAL C 37 6.98 -56.45 -11.51
CA VAL C 37 8.42 -56.58 -11.74
C VAL C 37 9.12 -55.26 -11.51
N VAL C 38 8.58 -54.18 -12.08
CA VAL C 38 9.24 -52.89 -11.93
C VAL C 38 9.16 -52.41 -10.49
N LYS C 39 8.03 -52.65 -9.81
CA LYS C 39 7.96 -52.28 -8.40
C LYS C 39 8.97 -53.05 -7.58
N THR C 40 9.16 -54.35 -7.87
CA THR C 40 10.13 -55.14 -7.13
C THR C 40 11.55 -54.68 -7.40
N PHE C 41 11.87 -54.33 -8.65
CA PHE C 41 13.19 -53.79 -8.96
C PHE C 41 13.41 -52.48 -8.21
N HIS C 42 12.43 -51.58 -8.25
CA HIS C 42 12.57 -50.30 -7.56
C HIS C 42 12.79 -50.49 -6.07
N GLU C 43 12.01 -51.38 -5.45
CA GLU C 43 12.11 -51.57 -4.01
C GLU C 43 13.38 -52.31 -3.61
N THR C 44 13.75 -53.36 -4.35
CA THR C 44 14.91 -54.16 -3.99
C THR C 44 16.21 -53.42 -4.26
N LEU C 45 16.32 -52.78 -5.42
CA LEU C 45 17.52 -52.06 -5.81
C LEU C 45 17.52 -50.60 -5.37
N ASP C 46 16.45 -50.13 -4.73
CA ASP C 46 16.31 -48.73 -4.32
C ASP C 46 16.61 -47.78 -5.48
N CYS C 47 15.82 -47.94 -6.54
CA CYS C 47 15.98 -47.13 -7.74
C CYS C 47 14.60 -46.73 -8.24
N CYS C 48 14.57 -46.07 -9.40
CA CYS C 48 13.32 -45.63 -9.99
C CYS C 48 13.59 -45.06 -11.38
N GLY C 49 13.13 -45.73 -12.41
CA GLY C 49 13.24 -45.24 -13.77
C GLY C 49 14.43 -45.84 -14.51
N SER C 50 14.43 -45.59 -15.82
CA SER C 50 15.46 -46.08 -16.72
C SER C 50 16.25 -44.92 -17.29
N SER C 51 17.58 -45.09 -17.35
CA SER C 51 18.44 -44.05 -17.90
C SER C 51 18.28 -43.89 -19.40
N THR C 52 17.76 -44.90 -20.09
CA THR C 52 17.50 -44.78 -21.52
C THR C 52 16.08 -44.31 -21.81
N LEU C 53 15.11 -44.74 -20.99
CA LEU C 53 13.72 -44.35 -21.16
C LEU C 53 13.32 -43.29 -20.14
N THR C 54 14.06 -42.17 -20.15
CA THR C 54 13.81 -41.13 -19.15
C THR C 54 12.43 -40.50 -19.32
N ALA C 55 11.97 -40.36 -20.57
CA ALA C 55 10.66 -39.76 -20.82
C ALA C 55 9.52 -40.52 -20.16
N LEU C 56 9.76 -41.75 -19.70
CA LEU C 56 8.73 -42.54 -19.05
C LEU C 56 8.61 -42.26 -17.55
N THR C 57 9.58 -41.54 -16.97
CA THR C 57 9.66 -41.45 -15.52
C THR C 57 8.34 -40.97 -14.91
N THR C 58 7.82 -39.85 -15.40
CA THR C 58 6.56 -39.34 -14.83
C THR C 58 5.45 -40.38 -14.93
N SER C 59 5.33 -41.05 -16.08
CA SER C 59 4.33 -42.12 -16.18
C SER C 59 4.55 -43.15 -15.07
N VAL C 60 5.80 -43.56 -14.86
CA VAL C 60 6.12 -44.51 -13.79
C VAL C 60 5.61 -43.98 -12.46
N LEU C 61 5.80 -42.69 -12.20
CA LEU C 61 5.31 -42.13 -10.95
C LEU C 61 3.78 -42.04 -10.96
N LYS C 62 3.20 -41.71 -12.11
CA LYS C 62 1.76 -41.59 -12.19
C LYS C 62 1.09 -42.92 -11.89
N ASN C 63 1.77 -44.02 -12.19
CA ASN C 63 1.27 -45.36 -11.91
C ASN C 63 1.66 -45.86 -10.53
N ASN C 64 2.29 -45.02 -9.71
CA ASN C 64 2.65 -45.39 -8.34
C ASN C 64 3.59 -46.60 -8.32
N LEU C 65 4.51 -46.64 -9.27
CA LEU C 65 5.46 -47.75 -9.35
C LEU C 65 6.71 -47.54 -8.50
N CYS C 66 6.99 -46.30 -8.09
CA CYS C 66 8.16 -46.05 -7.24
C CYS C 66 7.70 -45.78 -5.81
N PRO C 67 8.30 -46.46 -4.82
CA PRO C 67 7.65 -46.57 -3.50
C PRO C 67 7.83 -45.38 -2.59
N SER C 68 8.77 -44.49 -2.85
CA SER C 68 9.06 -43.39 -1.93
C SER C 68 8.38 -42.11 -2.40
N GLY C 69 7.81 -41.38 -1.45
CA GLY C 69 7.22 -40.07 -1.74
C GLY C 69 8.28 -39.00 -1.77
N SER C 70 7.83 -37.75 -1.66
CA SER C 70 8.72 -36.59 -1.75
C SER C 70 8.87 -35.87 -0.42
N ASN C 71 8.38 -36.45 0.68
CA ASN C 71 8.53 -35.81 1.98
C ASN C 71 9.97 -35.89 2.47
N ILE C 72 10.64 -37.02 2.24
CA ILE C 72 12.01 -37.22 2.69
C ILE C 72 12.96 -36.79 1.57
N ILE C 73 13.88 -35.88 1.89
CA ILE C 73 14.79 -35.36 0.86
C ILE C 73 15.69 -36.46 0.33
N SER C 74 15.98 -37.48 1.15
CA SER C 74 16.83 -38.58 0.70
C SER C 74 16.23 -39.28 -0.52
N ASN C 75 14.90 -39.23 -0.66
CA ASN C 75 14.20 -39.95 -1.71
C ASN C 75 13.90 -39.08 -2.94
N LEU C 76 14.16 -37.77 -2.86
CA LEU C 76 13.96 -36.93 -4.03
C LEU C 76 14.93 -37.31 -5.13
N PHE C 77 16.20 -37.52 -4.78
CA PHE C 77 17.25 -37.80 -5.76
C PHE C 77 17.52 -39.29 -5.75
N LYS C 78 16.68 -40.03 -6.48
CA LYS C 78 16.84 -41.47 -6.66
C LYS C 78 17.59 -41.75 -7.96
N GLU C 79 18.50 -42.70 -7.91
CA GLU C 79 19.22 -43.12 -9.10
C GLU C 79 18.35 -44.03 -9.94
N ASP C 80 18.55 -43.99 -11.26
CA ASP C 80 17.85 -44.90 -12.14
C ASP C 80 18.34 -46.33 -11.92
N CYS C 81 17.53 -47.29 -12.36
CA CYS C 81 17.83 -48.68 -12.04
C CYS C 81 18.98 -49.24 -12.84
N HIS C 82 19.39 -48.59 -13.92
CA HIS C 82 20.58 -49.06 -14.63
C HIS C 82 21.83 -48.91 -13.75
N GLN C 83 21.95 -47.77 -13.06
CA GLN C 83 23.06 -47.60 -12.12
C GLN C 83 23.00 -48.62 -11.00
N LYS C 84 21.80 -48.90 -10.48
CA LYS C 84 21.69 -49.85 -9.37
C LYS C 84 21.95 -51.28 -9.82
N ILE C 85 21.58 -51.62 -11.06
CA ILE C 85 21.92 -52.93 -11.61
C ILE C 85 23.43 -53.06 -11.77
N ASP C 86 24.08 -52.00 -12.27
CA ASP C 86 25.53 -51.99 -12.35
C ASP C 86 26.14 -52.22 -10.97
N ASP C 87 25.68 -51.45 -9.98
CA ASP C 87 26.20 -51.61 -8.63
C ASP C 87 26.01 -53.03 -8.12
N LEU C 88 24.88 -53.65 -8.46
CA LEU C 88 24.62 -55.02 -8.01
C LEU C 88 25.63 -55.99 -8.61
N PHE C 89 25.88 -55.89 -9.92
CA PHE C 89 26.75 -56.86 -10.57
C PHE C 89 28.24 -56.58 -10.37
N SER C 90 28.60 -55.38 -9.90
CA SER C 90 29.96 -55.08 -9.52
C SER C 90 30.05 -55.18 -8.00
N GLY C 91 31.26 -55.07 -7.45
CA GLY C 91 31.34 -55.20 -6.01
C GLY C 91 30.97 -53.94 -5.23
N SER C 92 31.27 -52.78 -5.80
CA SER C 92 31.12 -51.51 -5.12
C SER C 92 29.85 -50.79 -5.62
N HIS C 93 29.81 -49.49 -5.43
CA HIS C 93 28.68 -48.69 -5.87
C HIS C 93 29.16 -47.58 -6.81
N GLN D 1 -10.72 -5.19 22.34
CA GLN D 1 -10.08 -4.01 21.77
C GLN D 1 -9.64 -3.06 22.89
N VAL D 2 -8.39 -2.63 22.81
CA VAL D 2 -7.84 -1.71 23.82
C VAL D 2 -8.25 -0.29 23.48
N GLN D 3 -8.72 0.45 24.48
CA GLN D 3 -9.15 1.83 24.27
C GLN D 3 -8.80 2.67 25.49
N LEU D 4 -8.29 3.87 25.22
CA LEU D 4 -8.04 4.89 26.23
C LEU D 4 -8.88 6.11 25.88
N VAL D 5 -9.91 6.38 26.67
CA VAL D 5 -10.85 7.45 26.40
C VAL D 5 -10.62 8.57 27.41
N GLN D 6 -10.35 9.77 26.89
CA GLN D 6 -10.08 10.93 27.73
C GLN D 6 -11.31 11.83 27.83
N SER D 7 -11.26 12.75 28.79
CA SER D 7 -12.38 13.64 29.06
C SER D 7 -12.51 14.71 27.97
N GLY D 8 -13.60 15.46 28.05
CA GLY D 8 -13.89 16.46 27.06
C GLY D 8 -12.98 17.68 27.19
N SER D 9 -13.15 18.59 26.24
CA SER D 9 -12.32 19.80 26.21
C SER D 9 -12.59 20.67 27.42
N GLU D 10 -11.56 21.38 27.87
CA GLU D 10 -11.63 22.20 29.07
C GLU D 10 -11.32 23.66 28.72
N LEU D 11 -12.07 24.56 29.33
CA LEU D 11 -11.93 26.01 29.14
C LEU D 11 -11.76 26.64 30.50
N LYS D 12 -10.55 27.14 30.79
CA LYS D 12 -10.24 27.70 32.09
C LYS D 12 -9.58 29.06 31.92
N LYS D 13 -9.61 29.84 33.00
CA LYS D 13 -8.97 31.15 33.08
C LYS D 13 -7.63 31.04 33.80
N PRO D 14 -6.67 31.90 33.45
CA PRO D 14 -5.35 31.82 34.09
C PRO D 14 -5.46 31.92 35.60
N GLY D 15 -5.02 30.85 36.28
CA GLY D 15 -5.02 30.79 37.73
C GLY D 15 -5.86 29.67 38.32
N ALA D 16 -6.74 29.05 37.53
CA ALA D 16 -7.57 27.97 38.03
C ALA D 16 -6.86 26.63 37.83
N SER D 17 -7.55 25.54 38.16
CA SER D 17 -7.03 24.20 38.00
C SER D 17 -7.89 23.44 36.99
N VAL D 18 -7.40 22.26 36.60
CA VAL D 18 -8.11 21.42 35.64
C VAL D 18 -7.65 19.98 35.84
N LYS D 19 -8.59 19.05 35.77
CA LYS D 19 -8.32 17.62 35.93
C LYS D 19 -8.90 16.88 34.74
N VAL D 20 -8.03 16.27 33.94
CA VAL D 20 -8.44 15.48 32.78
C VAL D 20 -8.33 14.01 33.12
N SER D 21 -9.30 13.22 32.65
CA SER D 21 -9.36 11.80 32.93
C SER D 21 -8.98 10.98 31.69
N CYS D 22 -8.61 9.73 31.95
CA CYS D 22 -8.19 8.80 30.90
C CYS D 22 -8.55 7.39 31.38
N LYS D 23 -9.68 6.88 30.88
CA LYS D 23 -10.19 5.57 31.28
C LYS D 23 -9.73 4.52 30.28
N ALA D 24 -9.15 3.43 30.80
CA ALA D 24 -8.61 2.35 29.99
C ALA D 24 -9.54 1.15 29.97
N SER D 25 -9.52 0.42 28.86
CA SER D 25 -10.30 -0.80 28.73
C SER D 25 -9.63 -1.71 27.71
N GLY D 26 -9.93 -3.00 27.81
CA GLY D 26 -9.37 -3.98 26.90
C GLY D 26 -8.12 -4.67 27.38
N TYR D 27 -7.58 -4.27 28.53
CA TYR D 27 -6.41 -4.91 29.10
C TYR D 27 -6.43 -4.69 30.61
N THR D 28 -5.63 -5.48 31.33
CA THR D 28 -5.50 -5.32 32.77
C THR D 28 -4.84 -3.98 33.06
N PHE D 29 -5.64 -3.05 33.60
CA PHE D 29 -5.18 -1.66 33.73
C PHE D 29 -3.92 -1.54 34.58
N THR D 30 -3.77 -2.37 35.61
CA THR D 30 -2.64 -2.24 36.54
C THR D 30 -1.38 -2.93 36.05
N ASP D 31 -1.37 -3.49 34.84
CA ASP D 31 -0.15 -4.14 34.34
C ASP D 31 0.82 -3.12 33.78
N ASP D 32 0.35 -2.24 32.89
CA ASP D 32 1.21 -1.30 32.21
C ASP D 32 1.04 0.11 32.79
N SER D 33 2.10 0.89 32.72
CA SER D 33 2.09 2.25 33.24
C SER D 33 1.42 3.18 32.25
N ILE D 34 0.94 4.32 32.76
CA ILE D 34 0.23 5.30 31.94
C ILE D 34 1.08 6.55 31.84
N HIS D 35 1.39 6.97 30.62
CA HIS D 35 2.25 8.12 30.37
C HIS D 35 1.44 9.29 29.83
N TRP D 36 1.93 10.50 30.05
CA TRP D 36 1.27 11.71 29.59
C TRP D 36 2.19 12.50 28.66
N VAL D 37 1.62 12.97 27.55
CA VAL D 37 2.36 13.72 26.55
C VAL D 37 1.60 15.00 26.24
N ARG D 38 2.30 16.13 26.26
CA ARG D 38 1.71 17.41 25.94
C ARG D 38 2.07 17.84 24.53
N GLN D 39 1.15 18.53 23.87
CA GLN D 39 1.37 19.06 22.53
C GLN D 39 0.75 20.45 22.47
N ALA D 40 1.59 21.48 22.45
CA ALA D 40 1.09 22.83 22.28
C ALA D 40 0.58 23.01 20.85
N PRO D 41 -0.40 23.88 20.65
CA PRO D 41 -0.97 24.06 19.30
C PRO D 41 0.11 24.44 18.30
N GLY D 42 0.22 23.63 17.24
CA GLY D 42 1.24 23.86 16.24
C GLY D 42 2.64 23.48 16.65
N GLN D 43 2.79 22.75 17.76
CA GLN D 43 4.08 22.35 18.28
C GLN D 43 4.17 20.83 18.30
N GLY D 44 5.35 20.33 18.70
CA GLY D 44 5.59 18.91 18.71
C GLY D 44 5.13 18.25 20.00
N LEU D 45 5.40 16.95 20.09
CA LEU D 45 5.07 16.17 21.28
C LEU D 45 6.18 16.28 22.30
N GLU D 46 5.80 16.41 23.57
CA GLU D 46 6.75 16.49 24.67
C GLU D 46 6.29 15.55 25.78
N TRP D 47 7.16 14.59 26.14
CA TRP D 47 6.84 13.63 27.17
C TRP D 47 6.84 14.30 28.54
N MET D 48 5.74 14.15 29.27
CA MET D 48 5.58 14.81 30.56
C MET D 48 5.98 13.93 31.74
N GLY D 49 5.85 12.62 31.62
CA GLY D 49 6.12 11.69 32.69
C GLY D 49 5.12 10.55 32.66
N TRP D 50 5.11 9.77 33.73
CA TRP D 50 4.23 8.60 33.77
C TRP D 50 3.81 8.32 35.21
N ILE D 51 2.87 7.38 35.33
CA ILE D 51 2.35 6.94 36.62
C ILE D 51 2.24 5.42 36.58
N ASN D 52 2.72 4.78 37.65
CA ASN D 52 2.59 3.34 37.82
C ASN D 52 1.15 2.99 38.20
N THR D 53 0.47 2.25 37.33
CA THR D 53 -0.92 1.92 37.59
C THR D 53 -1.08 0.86 38.68
N GLU D 54 0.02 0.29 39.16
CA GLU D 54 0.00 -0.73 40.19
C GLU D 54 0.34 -0.19 41.57
N THR D 55 1.33 0.70 41.67
CA THR D 55 1.70 1.30 42.94
C THR D 55 1.17 2.72 43.10
N GLY D 56 0.92 3.42 42.00
CA GLY D 56 0.45 4.78 42.04
C GLY D 56 1.53 5.83 42.14
N GLU D 57 2.80 5.45 42.15
CA GLU D 57 3.87 6.43 42.25
C GLU D 57 4.06 7.13 40.92
N PRO D 58 3.97 8.45 40.87
CA PRO D 58 4.25 9.18 39.62
C PRO D 58 5.72 9.53 39.50
N THR D 59 6.14 9.70 38.25
CA THR D 59 7.47 10.20 37.95
C THR D 59 7.33 11.25 36.86
N TYR D 60 7.72 12.49 37.18
CA TYR D 60 7.52 13.63 36.31
C TYR D 60 8.82 13.95 35.58
N ALA D 61 8.69 14.38 34.33
CA ALA D 61 9.86 14.85 33.60
C ALA D 61 10.35 16.18 34.19
N ASP D 62 11.63 16.46 33.99
CA ASP D 62 12.23 17.64 34.60
C ASP D 62 11.49 18.92 34.22
N ASP D 63 11.05 19.03 32.97
CA ASP D 63 10.36 20.22 32.50
C ASP D 63 8.93 20.33 33.00
N PHE D 64 8.39 19.31 33.68
CA PHE D 64 7.02 19.34 34.17
C PHE D 64 6.95 18.98 35.64
N LYS D 65 8.02 19.17 36.40
CA LYS D 65 8.05 18.83 37.81
C LYS D 65 7.68 20.07 38.61
N GLY D 66 6.50 20.04 39.23
CA GLY D 66 6.04 21.16 40.02
C GLY D 66 4.54 21.30 40.10
N ARG D 67 3.93 21.86 39.07
CA ARG D 67 2.51 22.19 39.08
C ARG D 67 1.63 21.12 38.43
N PHE D 68 2.21 19.99 38.05
CA PHE D 68 1.49 18.92 37.38
C PHE D 68 1.43 17.70 38.30
N VAL D 69 0.27 17.04 38.34
CA VAL D 69 0.05 15.91 39.24
C VAL D 69 -0.58 14.76 38.47
N PHE D 70 0.07 13.60 38.52
CA PHE D 70 -0.44 12.36 37.93
C PHE D 70 -1.14 11.57 39.04
N SER D 71 -2.45 11.41 38.91
CA SER D 71 -3.26 10.67 39.88
C SER D 71 -3.85 9.44 39.24
N LEU D 72 -4.46 8.60 40.08
CA LEU D 72 -4.88 7.27 39.67
C LEU D 72 -6.16 6.89 40.39
N ASP D 73 -6.98 6.06 39.74
CA ASP D 73 -8.17 5.50 40.35
C ASP D 73 -8.41 4.15 39.69
N THR D 74 -7.97 3.07 40.36
CA THR D 74 -8.07 1.74 39.78
C THR D 74 -9.50 1.21 39.81
N SER D 75 -10.33 1.71 40.71
CA SER D 75 -11.71 1.21 40.78
C SER D 75 -12.43 1.38 39.46
N VAL D 76 -12.09 2.43 38.70
CA VAL D 76 -12.66 2.66 37.38
C VAL D 76 -11.60 2.64 36.30
N SER D 77 -10.40 2.15 36.61
CA SER D 77 -9.32 2.02 35.63
C SER D 77 -9.06 3.33 34.91
N THR D 78 -8.88 4.40 35.68
CA THR D 78 -8.78 5.74 35.13
C THR D 78 -7.59 6.49 35.73
N ALA D 79 -6.74 7.02 34.87
CA ALA D 79 -5.68 7.93 35.29
C ALA D 79 -6.15 9.38 35.15
N TYR D 80 -5.51 10.27 35.91
CA TYR D 80 -5.88 11.67 35.93
C TYR D 80 -4.65 12.56 35.82
N LEU D 81 -4.79 13.66 35.10
CA LEU D 81 -3.77 14.69 35.01
C LEU D 81 -4.37 15.98 35.57
N GLN D 82 -3.78 16.50 36.65
CA GLN D 82 -4.27 17.71 37.28
C GLN D 82 -3.22 18.81 37.19
N ILE D 83 -3.68 20.02 36.86
CA ILE D 83 -2.84 21.20 36.80
C ILE D 83 -3.49 22.28 37.66
N SER D 84 -2.78 22.75 38.67
CA SER D 84 -3.23 23.85 39.51
C SER D 84 -2.48 25.12 39.11
N SER D 85 -3.07 26.26 39.48
CA SER D 85 -2.53 27.57 39.11
C SER D 85 -2.22 27.60 37.62
N LEU D 86 -3.26 27.35 36.83
CA LEU D 86 -3.12 27.26 35.39
C LEU D 86 -2.64 28.58 34.82
N LYS D 87 -1.76 28.50 33.81
CA LYS D 87 -1.22 29.68 33.15
C LYS D 87 -1.61 29.67 31.68
N ALA D 88 -1.34 30.79 31.01
CA ALA D 88 -1.77 30.97 29.63
C ALA D 88 -1.05 30.00 28.69
N GLU D 89 0.22 29.72 28.94
CA GLU D 89 1.02 28.86 28.08
C GLU D 89 0.70 27.38 28.23
N ASP D 90 -0.18 27.01 29.16
CA ASP D 90 -0.58 25.61 29.33
C ASP D 90 -1.64 25.17 28.33
N THR D 91 -2.20 26.10 27.55
CA THR D 91 -3.18 25.75 26.54
C THR D 91 -2.56 24.80 25.53
N ALA D 92 -3.03 23.56 25.49
CA ALA D 92 -2.46 22.56 24.60
C ALA D 92 -3.32 21.31 24.68
N VAL D 93 -2.98 20.31 23.88
CA VAL D 93 -3.65 19.01 23.89
C VAL D 93 -2.81 18.04 24.71
N TYR D 94 -3.45 17.38 25.66
CA TYR D 94 -2.78 16.42 26.54
C TYR D 94 -3.28 15.03 26.19
N TYR D 95 -2.34 14.15 25.83
CA TYR D 95 -2.63 12.75 25.53
C TYR D 95 -2.18 11.87 26.69
N CYS D 96 -2.93 10.81 26.92
CA CYS D 96 -2.47 9.69 27.72
C CYS D 96 -2.15 8.52 26.80
N ALA D 97 -1.17 7.73 27.19
CA ALA D 97 -0.70 6.62 26.37
C ALA D 97 -0.34 5.44 27.27
N ARG D 98 -0.52 4.23 26.73
CA ARG D 98 -0.17 3.00 27.40
C ARG D 98 1.22 2.57 26.95
N LEU D 99 2.12 2.35 27.91
CA LEU D 99 3.48 1.92 27.59
C LEU D 99 3.50 0.41 27.43
N SER D 100 3.93 -0.06 26.26
CA SER D 100 4.07 -1.50 26.06
C SER D 100 5.50 -1.92 26.41
N PRO D 101 5.68 -3.00 27.15
CA PRO D 101 7.03 -3.42 27.56
C PRO D 101 7.76 -4.09 26.40
N VAL D 102 8.99 -4.52 26.67
CA VAL D 102 9.79 -5.21 25.66
C VAL D 102 10.11 -4.27 24.51
N VAL D 103 9.08 -3.83 23.78
CA VAL D 103 9.30 -2.86 22.71
C VAL D 103 9.44 -1.44 23.27
N VAL D 104 8.86 -1.18 24.43
CA VAL D 104 8.99 0.11 25.10
C VAL D 104 8.53 1.22 24.16
N ILE D 105 7.25 1.17 23.77
CA ILE D 105 6.67 2.15 22.86
C ILE D 105 5.23 2.42 23.28
N PHE D 106 4.63 3.41 22.64
CA PHE D 106 3.25 3.82 22.92
C PHE D 106 2.40 3.35 21.74
N ILE D 107 1.84 2.16 21.87
CA ILE D 107 0.98 1.63 20.82
C ILE D 107 -0.41 2.23 20.92
N TYR D 108 -0.94 2.34 22.12
CA TYR D 108 -2.31 2.77 22.35
C TYR D 108 -2.32 4.14 22.99
N TRP D 109 -3.04 5.07 22.36
CA TRP D 109 -3.17 6.46 22.79
C TRP D 109 -4.63 6.78 23.06
N GLY D 110 -4.84 7.91 23.73
CA GLY D 110 -6.15 8.49 23.86
C GLY D 110 -6.36 9.54 22.79
N GLN D 111 -7.62 9.92 22.57
CA GLN D 111 -7.89 10.94 21.56
C GLN D 111 -7.35 12.31 21.96
N GLY D 112 -6.88 12.47 23.18
CA GLY D 112 -6.38 13.74 23.65
C GLY D 112 -7.47 14.63 24.21
N THR D 113 -7.07 15.50 25.15
CA THR D 113 -7.98 16.49 25.72
C THR D 113 -7.36 17.87 25.52
N LEU D 114 -8.10 18.75 24.88
CA LEU D 114 -7.64 20.13 24.68
C LEU D 114 -7.99 20.97 25.89
N VAL D 115 -6.99 21.68 26.43
CA VAL D 115 -7.18 22.61 27.53
C VAL D 115 -6.80 24.00 27.04
N THR D 116 -7.75 24.94 27.12
CA THR D 116 -7.54 26.30 26.67
C THR D 116 -7.65 27.23 27.87
N VAL D 117 -6.58 27.99 28.14
CA VAL D 117 -6.50 28.90 29.27
C VAL D 117 -6.30 30.31 28.72
N SER D 118 -7.25 31.20 29.00
CA SER D 118 -7.17 32.59 28.56
C SER D 118 -8.04 33.43 29.48
N SER D 119 -7.55 34.62 29.84
CA SER D 119 -8.29 35.49 30.73
C SER D 119 -9.52 36.12 30.08
N ALA D 120 -9.77 35.86 28.79
CA ALA D 120 -10.92 36.44 28.13
C ALA D 120 -12.21 35.76 28.58
N SER D 121 -13.32 36.43 28.33
CA SER D 121 -14.64 35.93 28.67
C SER D 121 -15.44 35.65 27.41
N THR D 122 -16.46 34.80 27.55
CA THR D 122 -17.30 34.46 26.42
C THR D 122 -17.96 35.70 25.85
N LYS D 123 -17.98 35.79 24.52
CA LYS D 123 -18.56 36.94 23.84
C LYS D 123 -18.94 36.53 22.44
N GLY D 124 -20.16 36.87 22.03
CA GLY D 124 -20.64 36.55 20.70
C GLY D 124 -19.90 37.32 19.63
N PRO D 125 -19.74 36.71 18.47
CA PRO D 125 -18.98 37.33 17.38
C PRO D 125 -19.82 38.38 16.65
N SER D 126 -19.15 39.07 15.72
CA SER D 126 -19.80 39.99 14.81
C SER D 126 -19.52 39.54 13.39
N VAL D 127 -20.58 39.47 12.58
CA VAL D 127 -20.51 38.93 11.23
C VAL D 127 -20.70 40.07 10.24
N PHE D 128 -19.69 40.31 9.41
CA PHE D 128 -19.74 41.33 8.38
C PHE D 128 -19.62 40.70 7.00
N PRO D 129 -20.25 41.29 5.98
CA PRO D 129 -20.14 40.74 4.63
C PRO D 129 -18.89 41.21 3.93
N LEU D 130 -18.39 40.36 3.03
CA LEU D 130 -17.30 40.68 2.11
C LEU D 130 -17.85 40.46 0.71
N ALA D 131 -18.35 41.55 0.11
CA ALA D 131 -19.11 41.55 -1.15
C ALA D 131 -18.17 41.49 -2.35
N PRO D 132 -18.53 40.74 -3.39
CA PRO D 132 -17.70 40.67 -4.59
C PRO D 132 -17.84 41.91 -5.46
N SER D 133 -16.77 42.21 -6.18
CA SER D 133 -16.77 43.30 -7.15
C SER D 133 -15.95 42.86 -8.36
N SER D 134 -15.44 43.84 -9.11
CA SER D 134 -14.61 43.54 -10.27
C SER D 134 -13.16 43.32 -9.87
N SER D 136 -13.04 40.28 -6.78
CA SER D 136 -12.80 40.61 -8.18
C SER D 136 -13.24 39.47 -9.09
N THR D 137 -13.26 39.74 -10.40
CA THR D 137 -13.68 38.77 -11.40
C THR D 137 -12.47 38.35 -12.22
N SER D 138 -12.19 37.05 -12.24
CA SER D 138 -11.11 36.48 -13.04
C SER D 138 -11.68 35.24 -13.75
N GLY D 139 -11.91 35.37 -15.05
CA GLY D 139 -12.48 34.28 -15.81
C GLY D 139 -13.93 34.00 -15.48
N GLY D 140 -14.70 35.02 -15.14
CA GLY D 140 -16.11 34.86 -14.84
C GLY D 140 -16.43 34.42 -13.42
N THR D 141 -15.42 34.19 -12.57
CA THR D 141 -15.63 33.75 -11.20
C THR D 141 -15.26 34.87 -10.23
N ALA D 142 -16.16 35.15 -9.29
CA ALA D 142 -15.94 36.14 -8.25
C ALA D 142 -15.90 35.45 -6.89
N ALA D 143 -15.14 36.04 -5.97
CA ALA D 143 -15.00 35.54 -4.62
C ALA D 143 -15.77 36.44 -3.66
N LEU D 144 -16.50 35.82 -2.73
CA LEU D 144 -17.22 36.55 -1.69
C LEU D 144 -16.98 35.86 -0.36
N GLY D 145 -17.43 36.47 0.72
CA GLY D 145 -17.21 35.82 2.00
C GLY D 145 -17.85 36.56 3.16
N CYS D 146 -17.53 36.09 4.36
CA CYS D 146 -18.00 36.68 5.60
C CYS D 146 -16.86 36.75 6.59
N LEU D 147 -16.82 37.84 7.35
CA LEU D 147 -15.81 38.07 8.38
C LEU D 147 -16.46 37.96 9.75
N VAL D 148 -16.08 36.95 10.51
CA VAL D 148 -16.59 36.72 11.86
C VAL D 148 -15.49 37.12 12.83
N LYS D 149 -15.69 38.23 13.55
CA LYS D 149 -14.63 38.86 14.32
C LYS D 149 -15.07 39.06 15.77
N ASP D 150 -14.09 39.09 16.67
CA ASP D 150 -14.35 39.40 18.07
C ASP D 150 -15.27 38.37 18.69
N TYR D 151 -14.74 37.19 18.96
CA TYR D 151 -15.54 36.12 19.55
C TYR D 151 -14.64 35.19 20.35
N PHE D 152 -15.06 34.90 21.59
CA PHE D 152 -14.41 33.95 22.46
C PHE D 152 -15.52 33.19 23.18
N PRO D 153 -15.41 31.86 23.30
CA PRO D 153 -14.30 31.04 22.82
C PRO D 153 -14.66 30.22 21.58
N GLU D 154 -13.63 29.68 20.94
CA GLU D 154 -13.83 28.71 19.88
C GLU D 154 -14.66 27.54 20.40
N PRO D 155 -15.28 26.77 19.50
CA PRO D 155 -15.19 26.96 18.05
C PRO D 155 -16.37 27.76 17.52
N VAL D 156 -16.23 28.28 16.31
CA VAL D 156 -17.35 28.90 15.59
C VAL D 156 -17.51 28.16 14.27
N THR D 157 -18.74 27.79 13.95
CA THR D 157 -19.05 27.05 12.74
C THR D 157 -19.60 27.98 11.67
N VAL D 158 -19.13 27.79 10.43
CA VAL D 158 -19.55 28.62 9.30
C VAL D 158 -20.04 27.71 8.18
N SER D 159 -21.24 28.00 7.68
CA SER D 159 -21.82 27.26 6.57
C SER D 159 -22.28 28.27 5.51
N TRP D 160 -22.43 27.79 4.27
CA TRP D 160 -22.93 28.64 3.19
C TRP D 160 -24.21 28.03 2.63
N ASN D 161 -25.28 28.82 2.63
CA ASN D 161 -26.59 28.36 2.16
C ASN D 161 -27.02 27.11 2.91
N SER D 162 -26.76 27.09 4.22
CA SER D 162 -27.12 25.95 5.07
C SER D 162 -26.48 24.65 4.56
N GLY D 163 -25.18 24.72 4.27
CA GLY D 163 -24.45 23.54 3.87
C GLY D 163 -24.59 23.13 2.42
N ALA D 164 -25.28 23.92 1.61
CA ALA D 164 -25.48 23.57 0.20
C ALA D 164 -24.28 23.86 -0.67
N LEU D 165 -23.42 24.80 -0.29
CA LEU D 165 -22.26 25.18 -1.09
C LEU D 165 -20.99 24.72 -0.37
N THR D 166 -20.29 23.76 -0.97
CA THR D 166 -19.04 23.25 -0.43
C THR D 166 -17.85 23.42 -1.36
N SER D 167 -18.07 23.39 -2.67
CA SER D 167 -16.97 23.51 -3.61
C SER D 167 -16.44 24.94 -3.63
N GLY D 168 -15.12 25.07 -3.62
CA GLY D 168 -14.47 26.37 -3.65
C GLY D 168 -14.52 27.15 -2.36
N VAL D 169 -15.05 26.57 -1.28
CA VAL D 169 -15.15 27.24 0.01
C VAL D 169 -13.87 27.05 0.79
N HIS D 170 -13.40 28.13 1.41
CA HIS D 170 -12.22 28.11 2.28
C HIS D 170 -12.56 28.88 3.55
N THR D 171 -12.62 28.19 4.67
CA THR D 171 -12.81 28.83 5.98
C THR D 171 -11.46 28.83 6.69
N PHE D 172 -10.90 30.01 6.87
CA PHE D 172 -9.55 30.14 7.40
C PHE D 172 -9.52 29.90 8.91
N PRO D 173 -8.41 29.40 9.43
CA PRO D 173 -8.26 29.25 10.87
C PRO D 173 -8.39 30.59 11.57
N ALA D 174 -9.04 30.58 12.73
CA ALA D 174 -9.19 31.81 13.50
C ALA D 174 -7.81 32.35 13.89
N VAL D 175 -7.71 33.68 13.96
CA VAL D 175 -6.49 34.36 14.35
C VAL D 175 -6.74 35.05 15.68
N LEU D 176 -5.81 34.88 16.61
CA LEU D 176 -5.93 35.52 17.92
C LEU D 176 -5.53 36.98 17.81
N GLN D 177 -6.48 37.88 18.08
CA GLN D 177 -6.19 39.30 18.00
C GLN D 177 -5.47 39.77 19.25
N SER D 178 -4.94 41.00 19.20
CA SER D 178 -4.25 41.55 20.35
C SER D 178 -5.19 41.80 21.52
N SER D 179 -6.49 41.88 21.26
CA SER D 179 -7.49 42.10 22.31
C SER D 179 -7.85 40.82 23.05
N GLY D 180 -7.24 39.69 22.71
CA GLY D 180 -7.58 38.41 23.31
C GLY D 180 -8.71 37.67 22.64
N LEU D 181 -9.37 38.28 21.65
CA LEU D 181 -10.46 37.65 20.94
C LEU D 181 -10.00 37.12 19.58
N TYR D 182 -10.79 36.22 19.03
CA TYR D 182 -10.46 35.57 17.76
C TYR D 182 -11.22 36.22 16.61
N SER D 183 -10.71 36.00 15.40
CA SER D 183 -11.33 36.55 14.21
C SER D 183 -10.93 35.70 13.02
N LEU D 184 -11.90 35.33 12.20
CA LEU D 184 -11.65 34.53 11.01
C LEU D 184 -12.54 35.01 9.88
N SER D 185 -12.32 34.44 8.69
CA SER D 185 -13.09 34.76 7.52
C SER D 185 -13.34 33.49 6.74
N SER D 186 -14.55 33.36 6.20
CA SER D 186 -14.93 32.22 5.37
C SER D 186 -15.28 32.75 3.99
N VAL D 187 -14.51 32.34 2.99
CA VAL D 187 -14.69 32.82 1.62
C VAL D 187 -15.15 31.66 0.74
N VAL D 188 -15.65 32.02 -0.43
CA VAL D 188 -16.10 31.05 -1.42
C VAL D 188 -15.98 31.71 -2.81
N THR D 189 -15.52 30.91 -3.78
CA THR D 189 -15.37 31.35 -5.16
C THR D 189 -16.48 30.72 -6.00
N VAL D 190 -17.23 31.56 -6.70
CA VAL D 190 -18.35 31.06 -7.52
C VAL D 190 -18.38 31.82 -8.83
N PRO D 191 -18.83 31.15 -9.89
CA PRO D 191 -18.97 31.85 -11.18
C PRO D 191 -19.83 33.10 -11.06
N SER D 192 -19.26 34.24 -11.44
CA SER D 192 -19.95 35.52 -11.33
C SER D 192 -21.15 35.63 -12.26
N SER D 193 -21.42 34.63 -13.09
CA SER D 193 -22.60 34.64 -13.94
C SER D 193 -23.88 34.33 -13.16
N SER D 194 -23.75 33.74 -11.97
CA SER D 194 -24.88 33.38 -11.14
C SER D 194 -25.08 34.32 -9.97
N LEU D 195 -24.46 35.50 -10.00
CA LEU D 195 -24.59 36.45 -8.90
C LEU D 195 -25.99 37.04 -8.82
N GLY D 196 -26.67 37.18 -9.96
CA GLY D 196 -28.00 37.74 -9.97
C GLY D 196 -29.11 36.73 -9.74
N THR D 197 -28.82 35.46 -10.00
CA THR D 197 -29.82 34.40 -9.88
C THR D 197 -29.66 33.56 -8.62
N GLN D 198 -28.44 33.41 -8.11
CA GLN D 198 -28.16 32.58 -6.95
C GLN D 198 -27.97 33.47 -5.72
N THR D 199 -28.44 33.00 -4.58
CA THR D 199 -28.31 33.72 -3.31
C THR D 199 -27.25 33.05 -2.44
N TYR D 200 -26.43 33.86 -1.81
CA TYR D 200 -25.35 33.37 -0.95
C TYR D 200 -25.56 33.95 0.44
N ILE D 201 -25.76 33.07 1.42
CA ILE D 201 -25.96 33.47 2.81
C ILE D 201 -25.02 32.63 3.67
N CYS D 202 -24.19 33.30 4.48
CA CYS D 202 -23.33 32.62 5.41
C CYS D 202 -24.04 32.49 6.76
N ASN D 203 -24.05 31.27 7.29
CA ASN D 203 -24.67 30.94 8.56
C ASN D 203 -23.54 30.71 9.56
N VAL D 204 -23.45 31.59 10.55
CA VAL D 204 -22.47 31.48 11.62
C VAL D 204 -23.19 30.96 12.84
N ASN D 205 -22.70 29.86 13.40
CA ASN D 205 -23.28 29.23 14.58
C ASN D 205 -22.20 29.15 15.65
N HIS D 206 -22.42 29.85 16.77
CA HIS D 206 -21.52 29.85 17.90
C HIS D 206 -22.31 29.36 19.11
N LYS D 207 -22.04 28.12 19.52
CA LYS D 207 -22.84 27.52 20.60
C LYS D 207 -22.49 28.12 21.95
N PRO D 208 -21.22 28.29 22.32
CA PRO D 208 -20.90 28.88 23.64
C PRO D 208 -21.56 30.23 23.89
N SER D 209 -22.10 30.88 22.86
CA SER D 209 -22.81 32.15 23.04
C SER D 209 -24.26 32.08 22.59
N ASN D 210 -24.73 30.92 22.13
CA ASN D 210 -26.11 30.78 21.66
C ASN D 210 -26.42 31.75 20.54
N THR D 211 -25.50 31.89 19.59
CA THR D 211 -25.65 32.83 18.49
C THR D 211 -25.78 32.08 17.17
N LYS D 212 -26.80 32.44 16.39
CA LYS D 212 -27.03 31.85 15.07
C LYS D 212 -27.40 33.00 14.14
N VAL D 213 -26.44 33.41 13.30
CA VAL D 213 -26.61 34.59 12.45
C VAL D 213 -26.52 34.15 11.00
N ASP D 214 -27.55 34.48 10.23
CA ASP D 214 -27.59 34.19 8.80
C ASP D 214 -27.50 35.52 8.05
N LYS D 215 -26.32 35.81 7.51
CA LYS D 215 -26.07 37.06 6.81
C LYS D 215 -25.95 36.80 5.32
N LYS D 216 -26.81 37.45 4.53
CA LYS D 216 -26.79 37.32 3.08
C LYS D 216 -25.80 38.32 2.51
N VAL D 217 -24.82 37.83 1.77
CA VAL D 217 -23.76 38.67 1.21
C VAL D 217 -24.24 39.19 -0.14
N GLU D 218 -24.55 40.49 -0.20
CA GLU D 218 -24.99 41.03 -1.48
C GLU D 218 -23.87 41.81 -2.15
N PRO D 219 -23.78 41.75 -3.48
CA PRO D 219 -22.78 42.46 -4.27
C PRO D 219 -23.01 43.97 -4.32
N ASP E 1 17.69 15.47 29.15
CA ASP E 1 18.78 14.50 29.22
C ASP E 1 19.25 14.11 27.82
N ILE E 2 18.45 13.28 27.15
CA ILE E 2 18.70 12.87 25.77
C ILE E 2 17.86 13.75 24.85
N VAL E 3 18.51 14.36 23.86
CA VAL E 3 17.85 15.28 22.94
C VAL E 3 17.73 14.60 21.58
N MET E 4 16.56 14.71 20.96
CA MET E 4 16.31 14.21 19.62
C MET E 4 16.21 15.37 18.65
N THR E 5 16.83 15.24 17.48
CA THR E 5 16.77 16.25 16.45
C THR E 5 16.48 15.58 15.12
N GLN E 6 15.48 16.10 14.40
CA GLN E 6 15.07 15.53 13.13
C GLN E 6 15.42 16.47 11.98
N SER E 7 15.68 15.87 10.82
CA SER E 7 15.92 16.64 9.61
C SER E 7 15.16 16.02 8.44
N PRO E 8 14.52 16.85 7.59
CA PRO E 8 14.18 18.25 7.81
C PRO E 8 12.85 18.42 8.52
N LEU E 9 12.56 19.60 9.06
CA LEU E 9 11.31 19.80 9.78
C LEU E 9 10.11 20.05 8.85
N SER E 10 10.33 20.15 7.54
CA SER E 10 9.24 20.32 6.59
C SER E 10 9.66 19.67 5.28
N LEU E 11 8.97 18.59 4.89
CA LEU E 11 9.35 17.78 3.74
C LEU E 11 8.21 17.66 2.73
N PRO E 12 8.23 18.45 1.64
CA PRO E 12 7.23 18.26 0.58
C PRO E 12 7.69 17.27 -0.46
N VAL E 13 6.87 16.25 -0.74
CA VAL E 13 7.23 15.16 -1.63
C VAL E 13 6.20 15.06 -2.75
N THR E 14 6.69 14.83 -3.97
CA THR E 14 5.81 14.50 -5.07
C THR E 14 5.31 13.07 -4.91
N PRO E 15 4.01 12.82 -5.04
CA PRO E 15 3.50 11.45 -4.89
C PRO E 15 4.24 10.49 -5.81
N GLY E 16 4.54 9.30 -5.27
CA GLY E 16 5.30 8.31 -5.98
C GLY E 16 6.80 8.39 -5.78
N GLU E 17 7.34 9.58 -5.38
CA GLU E 17 8.76 9.70 -5.12
C GLU E 17 9.08 9.31 -3.68
N PRO E 18 10.32 8.87 -3.42
CA PRO E 18 10.71 8.49 -2.06
C PRO E 18 10.89 9.70 -1.17
N ALA E 19 10.98 9.42 0.13
CA ALA E 19 11.22 10.43 1.15
C ALA E 19 12.11 9.84 2.24
N SER E 20 12.87 10.70 2.90
CA SER E 20 13.79 10.29 3.95
C SER E 20 13.79 11.32 5.06
N ILE E 21 13.72 10.84 6.31
CA ILE E 21 13.76 11.70 7.49
C ILE E 21 14.87 11.18 8.40
N SER E 22 15.81 12.05 8.75
CA SER E 22 16.90 11.70 9.63
C SER E 22 16.55 12.03 11.09
N CYS E 23 17.11 11.24 12.00
CA CYS E 23 16.88 11.42 13.43
C CYS E 23 18.19 11.16 14.16
N LYS E 24 18.60 12.12 14.99
CA LYS E 24 19.83 12.03 15.76
C LYS E 24 19.52 12.19 17.25
N SER E 25 20.16 11.37 18.07
CA SER E 25 19.96 11.38 19.51
C SER E 25 21.18 11.94 20.22
N SER E 26 20.95 12.51 21.40
CA SER E 26 22.05 13.05 22.19
C SER E 26 23.02 11.96 22.64
N GLN E 27 22.49 10.80 23.02
CA GLN E 27 23.27 9.67 23.48
C GLN E 27 22.91 8.43 22.68
N SER E 28 23.75 7.39 22.78
CA SER E 28 23.47 6.15 22.09
C SER E 28 22.20 5.51 22.64
N LEU E 29 21.40 4.94 21.75
CA LEU E 29 20.14 4.30 22.10
C LEU E 29 20.22 2.78 22.06
N LEU E 30 21.41 2.22 21.91
CA LEU E 30 21.58 0.77 21.83
C LEU E 30 21.71 0.19 23.24
N HIS E 31 20.88 -0.82 23.53
CA HIS E 31 20.90 -1.49 24.82
C HIS E 31 21.92 -2.62 24.78
N SER E 32 22.76 -2.72 25.82
CA SER E 32 23.86 -3.68 25.81
C SER E 32 23.38 -5.11 25.96
N ARG E 33 22.32 -5.35 26.73
CA ARG E 33 21.85 -6.72 26.94
C ARG E 33 20.86 -7.16 25.87
N THR E 34 19.88 -6.33 25.56
CA THR E 34 18.88 -6.70 24.56
C THR E 34 19.38 -6.50 23.13
N ARG E 35 20.44 -5.73 22.93
CA ARG E 35 20.97 -5.45 21.60
C ARG E 35 19.99 -4.67 20.73
N LYS E 36 19.01 -4.03 21.35
CA LYS E 36 17.98 -3.28 20.63
C LYS E 36 18.29 -1.80 20.68
N ASN E 37 17.93 -1.09 19.61
CA ASN E 37 17.96 0.36 19.58
C ASN E 37 16.55 0.84 19.93
N TYR E 38 16.39 1.40 21.13
CA TYR E 38 15.05 1.80 21.60
C TYR E 38 14.71 3.17 21.03
N LEU E 39 14.44 3.17 19.72
CA LEU E 39 13.99 4.34 19.00
C LEU E 39 12.79 3.94 18.14
N ALA E 40 11.77 4.79 18.12
CA ALA E 40 10.53 4.50 17.43
C ALA E 40 10.15 5.67 16.53
N TRP E 41 9.35 5.37 15.50
CA TRP E 41 8.80 6.36 14.60
C TRP E 41 7.28 6.32 14.71
N TYR E 42 6.69 7.47 15.03
CA TYR E 42 5.25 7.66 15.08
C TYR E 42 4.83 8.61 13.96
N LEU E 43 3.61 8.41 13.48
CA LEU E 43 2.99 9.30 12.51
C LEU E 43 1.70 9.86 13.10
N GLN E 44 1.59 11.18 13.14
CA GLN E 44 0.40 11.85 13.60
C GLN E 44 -0.27 12.50 12.39
N LYS E 45 -1.42 11.97 11.99
CA LYS E 45 -2.16 12.54 10.89
C LYS E 45 -2.99 13.72 11.37
N PRO E 46 -3.41 14.59 10.46
CA PRO E 46 -4.15 15.79 10.86
C PRO E 46 -5.37 15.45 11.70
N GLY E 47 -5.44 16.06 12.89
CA GLY E 47 -6.60 15.89 13.75
C GLY E 47 -6.74 14.52 14.38
N GLN E 48 -5.65 13.79 14.54
CA GLN E 48 -5.70 12.47 15.14
C GLN E 48 -4.52 12.30 16.10
N SER E 49 -4.65 11.32 16.99
CA SER E 49 -3.56 11.01 17.90
C SER E 49 -2.40 10.36 17.14
N PRO E 50 -1.20 10.37 17.74
CA PRO E 50 -0.07 9.71 17.09
C PRO E 50 -0.29 8.21 16.99
N GLN E 51 0.21 7.62 15.92
CA GLN E 51 0.19 6.17 15.74
C GLN E 51 1.61 5.66 15.56
N LEU E 52 1.86 4.47 16.07
CA LEU E 52 3.18 3.87 16.01
C LEU E 52 3.43 3.28 14.63
N LEU E 53 4.53 3.68 13.99
CA LEU E 53 4.92 3.14 12.70
C LEU E 53 6.06 2.13 12.83
N ILE E 54 7.12 2.50 13.54
CA ILE E 54 8.33 1.70 13.61
C ILE E 54 8.76 1.62 15.06
N TYR E 55 9.25 0.46 15.48
CA TYR E 55 9.86 0.31 16.80
C TYR E 55 11.15 -0.49 16.65
N TRP E 56 11.99 -0.43 17.68
CA TRP E 56 13.31 -1.05 17.64
C TRP E 56 14.09 -0.58 16.42
N ALA E 57 13.90 0.68 16.02
CA ALA E 57 14.63 1.33 14.95
C ALA E 57 14.18 0.90 13.56
N SER E 58 13.95 -0.40 13.34
CA SER E 58 13.71 -0.89 11.98
C SER E 58 12.55 -1.86 11.85
N THR E 59 11.86 -2.22 12.92
CA THR E 59 10.75 -3.16 12.86
C THR E 59 9.44 -2.43 12.60
N ARG E 60 8.72 -2.86 11.55
CA ARG E 60 7.43 -2.26 11.21
C ARG E 60 6.34 -2.84 12.09
N GLU E 61 5.51 -1.97 12.65
CA GLU E 61 4.35 -2.40 13.41
C GLU E 61 3.35 -3.09 12.48
N SER E 62 2.56 -4.01 13.05
CA SER E 62 1.60 -4.75 12.27
C SER E 62 0.75 -3.81 11.43
N GLY E 63 0.69 -4.09 10.13
CA GLY E 63 -0.14 -3.33 9.21
C GLY E 63 0.60 -2.25 8.44
N VAL E 64 1.76 -1.81 8.91
CA VAL E 64 2.46 -0.73 8.20
C VAL E 64 2.98 -1.25 6.87
N PRO E 65 2.72 -0.56 5.76
CA PRO E 65 3.15 -1.05 4.45
C PRO E 65 4.67 -1.10 4.34
N ASP E 66 5.14 -1.94 3.42
CA ASP E 66 6.57 -2.14 3.26
C ASP E 66 7.29 -0.88 2.81
N ARG E 67 6.59 0.08 2.22
CA ARG E 67 7.29 1.27 1.74
C ARG E 67 7.86 2.10 2.88
N PHE E 68 7.35 1.94 4.10
CA PHE E 68 7.96 2.54 5.28
C PHE E 68 9.03 1.59 5.80
N SER E 69 10.23 2.12 6.01
CA SER E 69 11.31 1.32 6.59
C SER E 69 12.16 2.19 7.48
N GLY E 70 12.62 1.61 8.59
CA GLY E 70 13.50 2.30 9.51
C GLY E 70 14.86 1.62 9.52
N SER E 71 15.89 2.41 9.80
CA SER E 71 17.23 1.83 9.89
C SER E 71 18.09 2.77 10.74
N GLY E 72 19.27 2.30 11.07
CA GLY E 72 20.21 3.07 11.88
C GLY E 72 20.48 2.39 13.21
N SER E 73 21.37 3.01 13.96
CA SER E 73 21.75 2.42 15.25
C SER E 73 22.65 3.39 16.00
N GLY E 74 22.58 3.32 17.32
CA GLY E 74 23.35 4.20 18.17
C GLY E 74 22.71 5.56 18.30
N THR E 75 23.17 6.52 17.48
CA THR E 75 22.65 7.87 17.51
C THR E 75 22.05 8.34 16.19
N ASP E 76 22.39 7.72 15.07
CA ASP E 76 21.87 8.10 13.76
C ASP E 76 20.87 7.07 13.27
N PHE E 77 19.68 7.56 12.89
CA PHE E 77 18.61 6.72 12.38
C PHE E 77 17.93 7.43 11.22
N THR E 78 17.25 6.64 10.40
CA THR E 78 16.61 7.18 9.20
C THR E 78 15.33 6.41 8.90
N LEU E 79 14.31 7.15 8.47
CA LEU E 79 13.05 6.60 8.00
C LEU E 79 12.89 6.88 6.52
N LYS E 80 12.63 5.83 5.73
CA LYS E 80 12.50 5.94 4.29
C LYS E 80 11.10 5.50 3.87
N ILE E 81 10.55 6.21 2.88
CA ILE E 81 9.28 5.89 2.25
C ILE E 81 9.54 5.75 0.76
N SER E 82 9.42 4.53 0.24
CA SER E 82 9.73 4.28 -1.17
C SER E 82 8.80 5.06 -2.09
N ARG E 83 7.50 5.02 -1.83
CA ARG E 83 6.50 5.72 -2.63
C ARG E 83 5.61 6.52 -1.70
N VAL E 84 5.78 7.84 -1.68
CA VAL E 84 4.94 8.68 -0.85
C VAL E 84 3.55 8.76 -1.47
N GLU E 85 2.54 8.39 -0.69
CA GLU E 85 1.14 8.39 -1.11
C GLU E 85 0.35 9.45 -0.35
N ALA E 86 -0.89 9.64 -0.76
CA ALA E 86 -1.72 10.69 -0.16
C ALA E 86 -1.97 10.42 1.32
N GLU E 87 -2.13 9.15 1.71
CA GLU E 87 -2.44 8.83 3.10
C GLU E 87 -1.25 9.04 4.04
N ASP E 88 -0.10 9.47 3.53
CA ASP E 88 1.09 9.64 4.36
C ASP E 88 1.24 11.04 4.92
N VAL E 89 0.38 11.98 4.54
CA VAL E 89 0.50 13.34 5.02
C VAL E 89 0.34 13.36 6.54
N GLY E 90 1.13 14.17 7.20
CA GLY E 90 1.11 14.27 8.64
C GLY E 90 2.49 14.59 9.18
N VAL E 91 2.59 14.59 10.50
CA VAL E 91 3.83 14.90 11.20
C VAL E 91 4.47 13.60 11.66
N TYR E 92 5.71 13.35 11.25
CA TYR E 92 6.47 12.18 11.65
C TYR E 92 7.40 12.55 12.80
N TYR E 93 7.27 11.83 13.91
CA TYR E 93 8.12 12.03 15.08
C TYR E 93 8.98 10.80 15.30
N CYS E 94 10.24 11.00 15.66
CA CYS E 94 11.05 9.95 16.23
C CYS E 94 11.14 10.16 17.73
N LYS E 95 11.08 9.06 18.48
CA LYS E 95 11.06 9.10 19.94
C LYS E 95 12.02 8.06 20.47
N GLN E 96 12.87 8.46 21.42
CA GLN E 96 13.77 7.53 22.09
C GLN E 96 13.13 7.06 23.39
N SER E 97 13.36 5.79 23.73
CA SER E 97 12.92 5.23 24.99
C SER E 97 14.00 4.41 25.67
N TYR E 98 15.27 4.62 25.30
CA TYR E 98 16.38 3.92 25.93
C TYR E 98 16.53 4.37 27.38
N ASN E 99 16.54 5.68 27.61
CA ASN E 99 16.56 6.23 28.96
C ASN E 99 15.56 7.37 29.00
N LEU E 100 14.46 7.18 29.73
CA LEU E 100 13.35 8.12 29.68
C LEU E 100 12.77 8.18 28.27
N TYR E 101 12.06 9.26 27.94
CA TYR E 101 11.41 9.36 26.65
C TYR E 101 11.52 10.78 26.13
N ALA E 102 11.82 10.91 24.84
CA ALA E 102 12.00 12.21 24.23
C ALA E 102 11.63 12.12 22.75
N PHE E 103 10.80 13.05 22.30
CA PHE E 103 10.37 13.12 20.91
C PHE E 103 11.20 14.15 20.15
N GLY E 104 11.33 13.93 18.84
CA GLY E 104 11.93 14.92 17.98
C GLY E 104 11.00 16.10 17.70
N GLN E 105 11.56 17.08 17.00
CA GLN E 105 10.79 18.28 16.69
C GLN E 105 9.61 17.97 15.78
N GLY E 106 9.71 16.94 14.95
CA GLY E 106 8.65 16.57 14.04
C GLY E 106 8.89 17.01 12.62
N THR E 107 8.55 16.17 11.65
CA THR E 107 8.71 16.45 10.23
C THR E 107 7.35 16.46 9.58
N LYS E 108 6.94 17.61 9.04
CA LYS E 108 5.65 17.75 8.38
C LYS E 108 5.79 17.31 6.93
N LEU E 109 5.25 16.14 6.60
CA LEU E 109 5.26 15.66 5.22
C LEU E 109 4.09 16.24 4.46
N GLU E 110 4.37 16.99 3.40
CA GLU E 110 3.35 17.61 2.58
C GLU E 110 3.48 17.14 1.13
N ILE E 111 2.49 17.49 0.32
CA ILE E 111 2.44 17.03 -1.07
C ILE E 111 3.06 18.09 -1.97
N LYS E 112 3.90 17.64 -2.90
CA LYS E 112 4.55 18.53 -3.86
C LYS E 112 3.76 18.57 -5.15
N ARG E 113 3.47 19.78 -5.62
CA ARG E 113 2.73 20.00 -6.85
C ARG E 113 3.40 21.12 -7.63
N THR E 114 3.05 21.24 -8.90
CA THR E 114 3.59 22.31 -9.72
C THR E 114 3.21 23.67 -9.15
N VAL E 115 4.02 24.68 -9.45
CA VAL E 115 3.79 26.02 -8.92
C VAL E 115 2.46 26.55 -9.43
N ALA E 116 1.68 27.14 -8.52
CA ALA E 116 0.38 27.73 -8.85
C ALA E 116 0.33 29.14 -8.33
N ALA E 117 0.01 30.09 -9.21
CA ALA E 117 -0.03 31.50 -8.83
C ALA E 117 -1.31 31.80 -8.07
N PRO E 118 -1.25 32.69 -7.08
CA PRO E 118 -2.44 33.00 -6.29
C PRO E 118 -3.37 33.98 -6.99
N SER E 119 -4.66 33.79 -6.75
CA SER E 119 -5.68 34.75 -7.18
C SER E 119 -5.93 35.74 -6.06
N VAL E 120 -5.78 37.03 -6.36
CA VAL E 120 -5.86 38.08 -5.35
C VAL E 120 -7.21 38.79 -5.45
N PHE E 121 -7.85 39.00 -4.29
CA PHE E 121 -9.10 39.74 -4.20
C PHE E 121 -9.01 40.70 -3.02
N ILE E 122 -9.72 41.82 -3.13
CA ILE E 122 -9.73 42.84 -2.08
C ILE E 122 -11.17 43.13 -1.70
N PHE E 123 -11.47 43.03 -0.40
CA PHE E 123 -12.79 43.35 0.13
C PHE E 123 -12.68 44.53 1.08
N PRO E 124 -13.34 45.65 0.78
CA PRO E 124 -13.31 46.81 1.68
C PRO E 124 -14.25 46.60 2.86
N PRO E 125 -14.12 47.42 3.90
CA PRO E 125 -14.97 47.24 5.08
C PRO E 125 -16.45 47.39 4.77
N SER E 126 -17.27 46.67 5.51
CA SER E 126 -18.71 46.77 5.36
C SER E 126 -19.24 48.01 6.05
N ASP E 127 -20.46 48.42 5.67
CA ASP E 127 -21.06 49.60 6.28
C ASP E 127 -21.39 49.36 7.74
N GLU E 128 -21.80 48.14 8.09
CA GLU E 128 -22.16 47.86 9.48
C GLU E 128 -20.94 47.93 10.39
N GLN E 129 -19.77 47.53 9.90
CA GLN E 129 -18.58 47.50 10.75
C GLN E 129 -18.16 48.90 11.18
N LEU E 130 -18.33 49.88 10.28
CA LEU E 130 -17.94 51.25 10.59
C LEU E 130 -18.78 51.85 11.71
N LYS E 131 -20.00 51.35 11.92
CA LYS E 131 -20.84 51.89 12.98
C LYS E 131 -20.29 51.58 14.37
N SER E 132 -19.36 50.63 14.49
CA SER E 132 -18.75 50.29 15.77
C SER E 132 -17.43 51.01 16.00
N GLY E 133 -16.92 51.72 15.00
CA GLY E 133 -15.68 52.46 15.14
C GLY E 133 -14.43 51.73 14.70
N THR E 134 -14.56 50.69 13.88
CA THR E 134 -13.40 49.95 13.40
C THR E 134 -13.69 49.42 12.00
N ALA E 135 -12.63 49.34 11.20
CA ALA E 135 -12.72 48.87 9.82
C ALA E 135 -11.69 47.77 9.58
N SER E 136 -12.06 46.79 8.75
CA SER E 136 -11.20 45.68 8.40
C SER E 136 -11.21 45.47 6.90
N VAL E 137 -10.04 45.59 6.27
CA VAL E 137 -9.86 45.39 4.84
C VAL E 137 -9.24 44.01 4.62
N VAL E 138 -9.87 43.21 3.76
CA VAL E 138 -9.48 41.82 3.57
C VAL E 138 -8.77 41.67 2.23
N CYS E 139 -7.63 40.97 2.24
CA CYS E 139 -6.90 40.59 1.04
C CYS E 139 -6.86 39.06 0.98
N LEU E 140 -7.21 38.50 -0.17
CA LEU E 140 -7.37 37.06 -0.32
C LEU E 140 -6.47 36.54 -1.43
N LEU E 141 -5.62 35.57 -1.11
CA LEU E 141 -4.84 34.81 -2.09
C LEU E 141 -5.44 33.41 -2.16
N ASN E 142 -5.83 33.00 -3.36
CA ASN E 142 -6.61 31.78 -3.54
C ASN E 142 -5.84 30.75 -4.34
N ASN E 143 -5.75 29.53 -3.79
CA ASN E 143 -5.23 28.38 -4.51
C ASN E 143 -3.86 28.65 -5.14
N PHE E 144 -2.80 28.58 -4.33
CA PHE E 144 -1.44 28.79 -4.79
C PHE E 144 -0.54 27.73 -4.18
N TYR E 145 0.66 27.58 -4.77
CA TYR E 145 1.67 26.67 -4.25
C TYR E 145 3.02 27.09 -4.79
N PRO E 146 4.10 27.02 -3.98
CA PRO E 146 4.09 26.57 -2.59
C PRO E 146 3.50 27.59 -1.60
N ARG E 147 3.62 27.29 -0.31
CA ARG E 147 3.05 28.16 0.72
C ARG E 147 3.78 29.49 0.81
N GLU E 148 5.08 29.51 0.51
CA GLU E 148 5.87 30.73 0.65
C GLU E 148 5.32 31.85 -0.22
N ALA E 149 4.76 32.87 0.41
CA ALA E 149 4.24 34.03 -0.31
C ALA E 149 4.22 35.20 0.66
N LYS E 150 4.46 36.39 0.12
CA LYS E 150 4.52 37.61 0.91
C LYS E 150 3.38 38.54 0.52
N VAL E 151 2.75 39.15 1.52
CA VAL E 151 1.69 40.13 1.34
C VAL E 151 2.16 41.44 1.94
N GLN E 152 1.98 42.54 1.20
CA GLN E 152 2.34 43.86 1.66
C GLN E 152 1.13 44.77 1.59
N TRP E 153 0.94 45.58 2.64
CA TRP E 153 -0.18 46.50 2.74
C TRP E 153 0.34 47.91 2.46
N LYS E 154 -0.22 48.58 1.46
CA LYS E 154 0.11 49.95 1.13
C LYS E 154 -1.15 50.80 1.22
N VAL E 155 -1.10 51.85 2.04
CA VAL E 155 -2.20 52.79 2.16
C VAL E 155 -1.68 54.15 1.71
N ASP E 156 -2.13 54.60 0.54
CA ASP E 156 -1.58 55.80 -0.09
C ASP E 156 -0.07 55.66 -0.29
N ASN E 157 0.35 54.45 -0.69
CA ASN E 157 1.75 54.07 -0.88
C ASN E 157 2.53 54.06 0.44
N ALA E 158 1.85 54.12 1.58
CA ALA E 158 2.50 54.06 2.88
C ALA E 158 2.43 52.63 3.39
N LEU E 159 3.58 51.96 3.42
CA LEU E 159 3.62 50.57 3.87
C LEU E 159 3.21 50.48 5.33
N GLN E 160 2.31 49.55 5.64
CA GLN E 160 1.82 49.36 6.98
C GLN E 160 2.54 48.20 7.66
N SER E 161 2.57 48.23 8.99
CA SER E 161 3.25 47.21 9.76
C SER E 161 2.61 47.10 11.13
N GLY E 162 2.54 45.87 11.65
CA GLY E 162 2.02 45.64 12.97
C GLY E 162 0.53 45.79 13.14
N ASN E 163 -0.21 46.01 12.04
CA ASN E 163 -1.66 46.15 12.11
C ASN E 163 -2.37 45.19 11.16
N SER E 164 -1.73 44.09 10.80
CA SER E 164 -2.29 43.13 9.85
C SER E 164 -2.16 41.72 10.41
N GLN E 165 -3.27 40.99 10.39
CA GLN E 165 -3.29 39.57 10.73
C GLN E 165 -3.23 38.73 9.46
N GLU E 166 -2.70 37.52 9.58
CA GLU E 166 -2.51 36.65 8.43
C GLU E 166 -2.91 35.24 8.82
N SER E 167 -3.66 34.57 7.94
CA SER E 167 -4.13 33.22 8.22
C SER E 167 -4.05 32.37 6.96
N VAL E 168 -3.52 31.16 7.08
CA VAL E 168 -3.34 30.25 5.96
C VAL E 168 -4.07 28.95 6.26
N THR E 169 -4.70 28.40 5.22
CA THR E 169 -5.36 27.11 5.33
C THR E 169 -4.37 25.98 5.07
N GLU E 170 -4.72 24.78 5.54
CA GLU E 170 -3.88 23.62 5.27
C GLU E 170 -3.97 23.23 3.80
N GLN E 171 -3.01 22.43 3.37
CA GLN E 171 -2.91 22.06 1.96
C GLN E 171 -4.21 21.41 1.53
N ASP E 172 -4.84 21.98 0.50
CA ASP E 172 -6.13 21.48 0.04
C ASP E 172 -6.00 20.03 -0.39
N SER E 173 -6.97 19.21 0.03
CA SER E 173 -6.93 17.79 -0.28
C SER E 173 -7.19 17.51 -1.76
N LYS E 174 -7.84 18.45 -2.47
CA LYS E 174 -8.17 18.25 -3.87
C LYS E 174 -7.03 18.67 -4.80
N ASP E 175 -6.62 19.93 -4.71
CA ASP E 175 -5.61 20.49 -5.61
C ASP E 175 -4.27 20.72 -4.93
N SER E 176 -4.14 20.40 -3.64
CA SER E 176 -2.87 20.51 -2.94
C SER E 176 -2.34 21.94 -2.93
N THR E 177 -3.25 22.91 -2.97
CA THR E 177 -2.89 24.32 -2.95
C THR E 177 -3.17 24.91 -1.58
N TYR E 178 -2.72 26.15 -1.39
CA TYR E 178 -2.94 26.89 -0.16
C TYR E 178 -3.79 28.12 -0.45
N SER E 179 -4.39 28.65 0.61
CA SER E 179 -5.16 29.88 0.54
C SER E 179 -4.82 30.74 1.76
N LEU E 180 -4.73 32.05 1.55
CA LEU E 180 -4.31 32.98 2.58
C LEU E 180 -5.27 34.15 2.66
N SER E 181 -5.52 34.61 3.89
CA SER E 181 -6.36 35.78 4.15
C SER E 181 -5.58 36.72 5.06
N SER E 182 -5.27 37.91 4.55
CA SER E 182 -4.69 38.98 5.33
C SER E 182 -5.78 39.98 5.69
N THR E 183 -5.78 40.44 6.94
CA THR E 183 -6.79 41.36 7.45
C THR E 183 -6.09 42.57 8.03
N LEU E 184 -6.30 43.73 7.42
CA LEU E 184 -5.78 44.99 7.94
C LEU E 184 -6.88 45.63 8.79
N THR E 185 -6.58 45.87 10.07
CA THR E 185 -7.51 46.47 11.01
C THR E 185 -7.11 47.91 11.27
N LEU E 186 -8.07 48.83 11.13
CA LEU E 186 -7.85 50.24 11.36
C LEU E 186 -9.00 50.80 12.19
N SER E 187 -8.77 51.96 12.79
CA SER E 187 -9.83 52.65 13.51
C SER E 187 -10.67 53.48 12.53
N LYS E 188 -11.99 53.44 12.72
CA LYS E 188 -12.89 54.15 11.82
C LYS E 188 -12.52 55.62 11.68
N ALA E 189 -12.20 56.28 12.79
CA ALA E 189 -11.84 57.70 12.74
C ALA E 189 -10.59 57.91 11.89
N ASP E 190 -9.48 57.28 12.27
CA ASP E 190 -8.25 57.38 11.51
C ASP E 190 -8.27 56.59 10.22
N TYR E 191 -9.31 55.79 9.99
CA TYR E 191 -9.43 55.03 8.75
C TYR E 191 -9.75 55.94 7.58
N GLU E 192 -10.64 56.90 7.77
CA GLU E 192 -11.04 57.80 6.70
C GLU E 192 -9.97 58.81 6.33
N LYS E 193 -8.81 58.81 7.00
CA LYS E 193 -7.75 59.75 6.67
C LYS E 193 -7.03 59.42 5.37
N HIS E 194 -7.21 58.21 4.84
CA HIS E 194 -6.61 57.80 3.59
C HIS E 194 -7.69 57.35 2.61
N LYS E 195 -7.30 57.21 1.34
CA LYS E 195 -8.26 56.94 0.27
C LYS E 195 -8.02 55.61 -0.43
N VAL E 196 -6.80 55.35 -0.90
CA VAL E 196 -6.50 54.18 -1.71
C VAL E 196 -5.98 53.06 -0.81
N TYR E 197 -6.57 51.87 -0.94
CA TYR E 197 -6.16 50.71 -0.17
C TYR E 197 -5.83 49.58 -1.12
N ALA E 198 -4.66 48.96 -0.95
CA ALA E 198 -4.22 47.91 -1.85
C ALA E 198 -3.32 46.93 -1.11
N CYS E 199 -3.26 45.70 -1.62
CA CYS E 199 -2.30 44.71 -1.18
C CYS E 199 -1.49 44.22 -2.35
N GLU E 200 -0.18 44.10 -2.14
CA GLU E 200 0.77 43.65 -3.14
C GLU E 200 1.25 42.25 -2.76
N VAL E 201 1.01 41.28 -3.64
CA VAL E 201 1.33 39.88 -3.39
C VAL E 201 2.59 39.53 -4.17
N THR E 202 3.54 38.88 -3.49
CA THR E 202 4.74 38.34 -4.11
C THR E 202 4.76 36.83 -3.92
N HIS E 203 4.84 36.10 -5.03
CA HIS E 203 4.80 34.65 -5.00
C HIS E 203 5.66 34.11 -6.13
N GLN E 204 6.11 32.87 -5.97
CA GLN E 204 6.96 32.25 -6.98
C GLN E 204 6.26 32.14 -8.33
N GLY E 205 4.95 31.92 -8.32
CA GLY E 205 4.19 31.78 -9.56
C GLY E 205 4.01 33.07 -10.33
N LEU E 206 4.34 34.20 -9.74
CA LEU E 206 4.20 35.50 -10.40
C LEU E 206 5.56 35.98 -10.89
N SER E 207 5.59 36.44 -12.15
CA SER E 207 6.83 36.99 -12.69
C SER E 207 7.21 38.29 -11.99
N SER E 208 6.21 39.01 -11.47
CA SER E 208 6.42 40.26 -10.76
C SER E 208 5.35 40.39 -9.69
N PRO E 209 5.60 41.16 -8.64
CA PRO E 209 4.59 41.33 -7.57
C PRO E 209 3.30 41.91 -8.12
N VAL E 210 2.20 41.21 -7.90
CA VAL E 210 0.89 41.62 -8.39
C VAL E 210 0.21 42.49 -7.35
N THR E 211 -0.15 43.71 -7.72
CA THR E 211 -0.79 44.66 -6.81
C THR E 211 -2.28 44.73 -7.12
N LYS E 212 -3.11 44.60 -6.09
CA LYS E 212 -4.55 44.71 -6.23
C LYS E 212 -5.03 45.81 -5.29
N SER E 213 -5.66 46.84 -5.86
CA SER E 213 -5.98 48.07 -5.14
C SER E 213 -7.43 48.45 -5.36
N PHE E 214 -7.89 49.42 -4.56
CA PHE E 214 -9.22 49.98 -4.74
C PHE E 214 -9.29 51.33 -4.03
N ASN E 215 -10.05 52.24 -4.62
CA ASN E 215 -10.32 53.55 -4.04
C ASN E 215 -11.68 53.53 -3.36
N ARG E 216 -11.72 54.00 -2.12
CA ARG E 216 -12.96 53.97 -1.35
C ARG E 216 -14.04 54.80 -2.02
N GLY E 217 -15.25 54.23 -2.11
CA GLY E 217 -16.37 54.95 -2.69
C GLY E 217 -16.56 54.79 -4.19
N GLU E 218 -16.25 53.62 -4.74
CA GLU E 218 -16.45 53.38 -6.16
C GLU E 218 -17.36 52.17 -6.39
N GLY F 3 28.73 -37.30 23.07
CA GLY F 3 28.73 -36.37 21.96
C GLY F 3 27.61 -36.61 20.97
N PHE F 4 26.66 -37.47 21.34
CA PHE F 4 25.57 -37.81 20.44
C PHE F 4 24.82 -36.55 20.02
N VAL F 5 24.25 -35.85 21.00
CA VAL F 5 23.62 -34.56 20.76
C VAL F 5 24.71 -33.49 20.68
N ASN F 6 24.66 -32.66 19.65
CA ASN F 6 25.62 -31.57 19.47
C ASN F 6 25.03 -30.28 20.02
N LYS F 7 25.79 -29.61 20.89
CA LYS F 7 25.30 -28.41 21.56
C LYS F 7 24.74 -27.39 20.57
N ASP F 8 25.57 -26.95 19.62
CA ASP F 8 25.12 -25.95 18.66
C ASP F 8 23.84 -26.40 17.96
N GLN F 9 23.82 -27.65 17.52
CA GLN F 9 22.67 -28.17 16.78
C GLN F 9 21.42 -28.16 17.65
N ILE F 10 21.53 -28.67 18.89
CA ILE F 10 20.35 -28.75 19.74
C ILE F 10 19.83 -27.36 20.05
N ALA F 11 20.73 -26.41 20.33
CA ALA F 11 20.28 -25.03 20.54
C ALA F 11 19.55 -24.51 19.31
N LYS F 12 20.09 -24.77 18.12
CA LYS F 12 19.43 -24.36 16.89
C LYS F 12 18.03 -24.96 16.80
N ASP F 13 17.91 -26.24 17.15
CA ASP F 13 16.62 -26.93 17.10
C ASP F 13 15.63 -26.32 18.08
N VAL F 14 16.07 -26.06 19.31
CA VAL F 14 15.18 -25.49 20.31
C VAL F 14 14.70 -24.11 19.88
N LYS F 15 15.62 -23.28 19.37
CA LYS F 15 15.21 -21.97 18.87
C LYS F 15 14.18 -22.09 17.75
N GLN F 16 14.40 -23.00 16.80
CA GLN F 16 13.41 -23.23 15.74
C GLN F 16 12.06 -23.65 16.33
N PHE F 17 12.09 -24.56 17.31
CA PHE F 17 10.87 -24.96 18.01
C PHE F 17 10.14 -23.74 18.53
N TYR F 18 10.84 -22.88 19.26
CA TYR F 18 10.24 -21.67 19.80
C TYR F 18 9.64 -20.81 18.69
N ASP F 19 10.41 -20.58 17.62
CA ASP F 19 9.92 -19.75 16.52
C ASP F 19 8.60 -20.25 15.99
N GLN F 20 8.54 -21.53 15.61
CA GLN F 20 7.31 -22.10 15.08
C GLN F 20 6.16 -21.96 16.08
N ALA F 21 6.42 -22.33 17.34
CA ALA F 21 5.39 -22.16 18.37
C ALA F 21 4.86 -20.74 18.39
N LEU F 22 5.76 -19.76 18.38
CA LEU F 22 5.37 -18.35 18.43
C LEU F 22 4.49 -17.97 17.23
N GLN F 23 4.89 -18.40 16.04
CA GLN F 23 4.11 -18.08 14.86
C GLN F 23 2.68 -18.63 14.97
N GLN F 24 2.56 -19.90 15.37
CA GLN F 24 1.23 -20.47 15.53
C GLN F 24 0.47 -19.78 16.66
N ALA F 25 1.18 -19.33 17.70
CA ALA F 25 0.51 -18.70 18.83
C ALA F 25 -0.07 -17.35 18.43
N VAL F 26 0.54 -16.67 17.48
CA VAL F 26 0.09 -15.34 17.12
C VAL F 26 -0.87 -15.31 15.94
N VAL F 27 -0.92 -16.37 15.13
CA VAL F 27 -1.79 -16.30 13.94
C VAL F 27 -3.25 -16.09 14.35
N ASP F 28 -3.70 -16.82 15.37
CA ASP F 28 -5.07 -16.69 15.88
C ASP F 28 -5.01 -16.57 17.39
N ASP F 29 -6.17 -16.26 17.98
CA ASP F 29 -6.29 -15.98 19.40
C ASP F 29 -7.00 -17.08 20.18
N ASP F 30 -7.29 -18.21 19.56
CA ASP F 30 -7.87 -19.32 20.31
C ASP F 30 -6.80 -20.02 21.13
N ALA F 31 -7.23 -20.62 22.24
CA ALA F 31 -6.34 -21.22 23.22
C ALA F 31 -5.81 -22.55 22.73
N ASN F 32 -4.70 -22.49 21.99
CA ASN F 32 -4.00 -23.67 21.52
C ASN F 32 -2.79 -23.98 22.40
N ASN F 33 -2.08 -25.05 22.03
CA ASN F 33 -0.87 -25.46 22.74
C ASN F 33 0.32 -24.53 22.46
N ALA F 34 0.40 -23.95 21.26
CA ALA F 34 1.52 -23.07 20.95
C ALA F 34 1.56 -21.86 21.89
N LYS F 35 0.40 -21.31 22.23
CA LYS F 35 0.36 -20.22 23.20
C LYS F 35 0.90 -20.69 24.55
N ALA F 36 0.51 -21.89 24.99
CA ALA F 36 0.99 -22.41 26.26
C ALA F 36 2.50 -22.60 26.24
N VAL F 37 3.03 -23.13 25.13
CA VAL F 37 4.47 -23.36 25.03
C VAL F 37 5.23 -22.04 25.06
N VAL F 38 4.78 -21.05 24.29
CA VAL F 38 5.52 -19.79 24.25
C VAL F 38 5.42 -19.08 25.59
N LYS F 39 4.26 -19.15 26.25
CA LYS F 39 4.15 -18.54 27.58
C LYS F 39 5.09 -19.24 28.56
N THR F 40 5.18 -20.57 28.48
CA THR F 40 6.06 -21.30 29.38
C THR F 40 7.53 -20.95 29.14
N PHE F 41 7.92 -20.84 27.87
CA PHE F 41 9.28 -20.43 27.54
C PHE F 41 9.56 -19.04 28.08
N HIS F 42 8.65 -18.09 27.87
CA HIS F 42 8.84 -16.74 28.37
C HIS F 42 8.99 -16.72 29.89
N GLU F 43 8.16 -17.51 30.59
CA GLU F 43 8.22 -17.48 32.05
C GLU F 43 9.47 -18.17 32.57
N THR F 44 9.82 -19.33 32.01
CA THR F 44 10.95 -20.10 32.52
C THR F 44 12.29 -19.46 32.17
N LEU F 45 12.44 -19.01 30.93
CA LEU F 45 13.69 -18.43 30.47
C LEU F 45 13.77 -16.93 30.70
N ASP F 46 12.71 -16.31 31.24
CA ASP F 46 12.66 -14.87 31.45
C ASP F 46 13.05 -14.14 30.17
N CYS F 47 12.29 -14.40 29.12
CA CYS F 47 12.49 -13.79 27.81
C CYS F 47 11.14 -13.42 27.23
N CYS F 48 11.14 -12.90 26.01
CA CYS F 48 9.93 -12.50 25.31
C CYS F 48 10.25 -12.14 23.87
N GLY F 49 9.76 -12.93 22.92
CA GLY F 49 9.95 -12.64 21.52
C GLY F 49 11.10 -13.42 20.92
N SER F 50 11.16 -13.36 19.58
CA SER F 50 12.19 -14.03 18.81
C SER F 50 13.06 -12.99 18.11
N SER F 51 14.38 -13.18 18.17
CA SER F 51 15.28 -12.23 17.53
C SER F 51 15.17 -12.29 16.01
N THR F 52 14.66 -13.39 15.46
CA THR F 52 14.48 -13.49 14.02
C THR F 52 13.08 -13.06 13.57
N LEU F 53 12.06 -13.33 14.40
CA LEU F 53 10.68 -12.96 14.07
C LEU F 53 10.27 -11.71 14.84
N THR F 54 11.06 -10.64 14.68
CA THR F 54 10.83 -9.43 15.46
C THR F 54 9.47 -8.82 15.13
N ALA F 55 9.05 -8.91 13.87
CA ALA F 55 7.78 -8.31 13.46
C ALA F 55 6.59 -8.88 14.23
N LEU F 56 6.75 -10.01 14.93
CA LEU F 56 5.66 -10.59 15.70
C LEU F 56 5.55 -10.05 17.11
N THR F 57 6.56 -9.30 17.58
CA THR F 57 6.61 -8.95 19.00
C THR F 57 5.34 -8.25 19.45
N THR F 58 4.91 -7.21 18.74
CA THR F 58 3.68 -6.52 19.14
C THR F 58 2.52 -7.50 19.22
N SER F 59 2.37 -8.35 18.20
CA SER F 59 1.34 -9.38 18.24
C SER F 59 1.49 -10.25 19.49
N VAL F 60 2.72 -10.66 19.80
CA VAL F 60 2.95 -11.46 21.00
C VAL F 60 2.39 -10.75 22.21
N LEU F 61 2.60 -9.43 22.29
CA LEU F 61 2.09 -8.67 23.42
C LEU F 61 0.58 -8.56 23.37
N LYS F 62 0.02 -8.42 22.16
CA LYS F 62 -1.43 -8.30 22.03
C LYS F 62 -2.14 -9.56 22.50
N ASN F 63 -1.47 -10.71 22.44
CA ASN F 63 -2.02 -11.97 22.92
C ASN F 63 -1.72 -12.25 24.38
N ASN F 64 -1.07 -11.31 25.08
CA ASN F 64 -0.75 -11.48 26.50
C ASN F 64 0.09 -12.73 26.72
N LEU F 65 1.02 -12.98 25.78
CA LEU F 65 1.89 -14.14 25.87
C LEU F 65 3.13 -13.89 26.70
N CYS F 66 3.47 -12.63 26.97
CA CYS F 66 4.59 -12.30 27.84
C CYS F 66 4.04 -11.80 29.17
N PRO F 67 4.51 -12.33 30.29
CA PRO F 67 3.77 -12.18 31.55
C PRO F 67 3.98 -10.86 32.28
N SER F 68 5.00 -10.09 31.93
CA SER F 68 5.34 -8.88 32.68
C SER F 68 4.75 -7.65 32.00
N GLY F 69 4.22 -6.74 32.81
CA GLY F 69 3.71 -5.46 32.33
C GLY F 69 4.83 -4.45 32.17
N SER F 70 4.43 -3.18 32.08
CA SER F 70 5.38 -2.09 31.87
C SER F 70 5.51 -1.18 33.08
N ASN F 71 4.94 -1.56 34.22
CA ASN F 71 5.08 -0.73 35.42
C ASN F 71 6.49 -0.80 35.99
N ILE F 72 7.10 -1.98 35.98
CA ILE F 72 8.43 -2.18 36.53
C ILE F 72 9.47 -1.97 35.43
N ILE F 73 10.43 -1.09 35.68
CA ILE F 73 11.44 -0.78 34.67
C ILE F 73 12.27 -2.02 34.34
N SER F 74 12.41 -2.93 35.29
CA SER F 74 13.20 -4.14 35.05
C SER F 74 12.61 -4.97 33.92
N ASN F 75 11.30 -4.87 33.68
CA ASN F 75 10.62 -5.69 32.70
C ASN F 75 10.47 -5.01 31.35
N LEU F 76 10.79 -3.72 31.24
CA LEU F 76 10.72 -3.06 29.95
C LEU F 76 11.74 -3.64 28.98
N PHE F 77 12.95 -3.90 29.45
CA PHE F 77 14.05 -4.37 28.59
C PHE F 77 14.23 -5.88 28.80
N LYS F 78 13.39 -6.64 28.11
CA LYS F 78 13.46 -8.10 28.13
C LYS F 78 14.23 -8.60 26.91
N GLU F 79 15.08 -9.59 27.13
CA GLU F 79 15.82 -10.21 26.03
C GLU F 79 14.93 -11.19 25.28
N ASP F 80 15.20 -11.34 23.98
CA ASP F 80 14.48 -12.33 23.21
C ASP F 80 14.87 -13.73 23.64
N CYS F 81 14.02 -14.70 23.32
CA CYS F 81 14.24 -16.05 23.83
C CYS F 81 15.37 -16.77 23.14
N HIS F 82 15.84 -16.30 21.98
CA HIS F 82 17.01 -16.92 21.38
C HIS F 82 18.24 -16.70 22.25
N GLN F 83 18.42 -15.48 22.76
CA GLN F 83 19.55 -15.23 23.65
C GLN F 83 19.49 -16.11 24.88
N LYS F 84 18.29 -16.28 25.46
CA LYS F 84 18.17 -17.06 26.68
C LYS F 84 18.35 -18.55 26.40
N ILE F 85 17.93 -19.03 25.23
CA ILE F 85 18.19 -20.41 24.86
C ILE F 85 19.70 -20.65 24.68
N ASP F 86 20.38 -19.71 24.02
CA ASP F 86 21.84 -19.80 23.93
C ASP F 86 22.45 -19.85 25.32
N ASP F 87 22.04 -18.93 26.20
CA ASP F 87 22.59 -18.90 27.56
C ASP F 87 22.36 -20.23 28.27
N LEU F 88 21.19 -20.82 28.06
CA LEU F 88 20.87 -22.09 28.71
C LEU F 88 21.80 -23.18 28.23
N PHE F 89 22.01 -23.28 26.92
CA PHE F 89 22.80 -24.37 26.36
C PHE F 89 24.30 -24.13 26.44
N SER F 90 24.73 -22.90 26.73
CA SER F 90 26.14 -22.62 26.88
C SER F 90 26.60 -22.51 28.33
N GLY F 91 25.68 -22.51 29.28
CA GLY F 91 26.07 -22.40 30.67
C GLY F 91 26.24 -20.99 31.19
N SER F 92 26.46 -20.00 30.32
CA SER F 92 26.91 -18.71 30.77
C SER F 92 25.73 -17.78 31.06
N HIS F 93 26.02 -16.49 31.19
CA HIS F 93 25.03 -15.45 31.49
C HIS F 93 25.14 -14.32 30.49
N HIS F 94 25.20 -14.68 29.20
CA HIS F 94 25.38 -13.72 28.13
C HIS F 94 26.78 -13.12 28.17
#